data_3OHI
#
_entry.id   3OHI
#
_cell.length_a   53.580
_cell.length_b   64.950
_cell.length_c   171.450
_cell.angle_alpha   90.00
_cell.angle_beta   90.00
_cell.angle_gamma   90.00
#
_symmetry.space_group_name_H-M   'P 21 21 21'
#
loop_
_entity.id
_entity.type
_entity.pdbx_description
1 polymer 'Putative fructose-1,6-bisphosphate aldolase'
2 non-polymer 'ZINC ION'
3 non-polymer '({3-hydroxy-2-oxo-4-[2-(phosphonooxy)ethyl]pyridin-1(2H)-yl}methyl)phosphonic acid'
4 water water
#
_entity_poly.entity_id   1
_entity_poly.type   'polypeptide(L)'
_entity_poly.pdbx_seq_one_letter_code
;MPLCTLRQMLGEARKHKYGVGAFNVNNMEQIQGIMKAVVQLKSPVILQCSRGALKYSDMIYLKKLCEAALEKHPDIPICI
HLDHGDTLESVKMAIDLGFSSVMIDASHHPFDENVRITKEVVAYAHARSVSVEAELGTLGGIEEDVQNTVQLTEPQDAKK
FVELTGVDALAVAIGTSHGAYKFKSESDIRLAIDRVKTISDLTGIPLVMHGSSSVPKDVKDMINKYGGKMPDAVGVPIES
IVHAIGEGVCKINVDSDSRMAMTGAIRKVFVEHPEKFDPRDYLGPGRDAITEMLIPKIKAFGSAGHAGDYKVVSLEEAKA
WYK
;
_entity_poly.pdbx_strand_id   A,B
#
loop_
_chem_comp.id
_chem_comp.type
_chem_comp.name
_chem_comp.formula
HDX non-polymer '({3-hydroxy-2-oxo-4-[2-(phosphonooxy)ethyl]pyridin-1(2H)-yl}methyl)phosphonic acid' 'C8 H13 N O9 P2'
ZN non-polymer 'ZINC ION' 'Zn 2'
#
# COMPACT_ATOMS: atom_id res chain seq x y z
N PRO A 2 10.82 9.34 -15.76
CA PRO A 2 11.85 8.61 -14.99
C PRO A 2 12.12 9.28 -13.68
N LEU A 3 13.04 8.73 -12.91
CA LEU A 3 13.50 9.44 -11.75
C LEU A 3 14.09 10.79 -12.22
N CYS A 4 13.81 11.85 -11.48
CA CYS A 4 14.22 13.19 -11.84
C CYS A 4 14.68 14.02 -10.64
N THR A 5 15.83 14.68 -10.75
CA THR A 5 16.33 15.57 -9.68
C THR A 5 15.33 16.70 -9.28
N LEU A 6 15.50 17.29 -8.11
CA LEU A 6 14.68 18.48 -7.78
C LEU A 6 15.15 19.69 -8.58
N ARG A 7 16.46 19.73 -8.82
CA ARG A 7 17.07 20.82 -9.58
C ARG A 7 16.43 21.04 -10.95
N GLN A 8 16.36 19.98 -11.76
CA GLN A 8 15.71 20.03 -13.10
C GLN A 8 14.19 20.26 -13.09
N MET A 9 13.48 19.58 -12.21
CA MET A 9 12.05 19.77 -12.11
C MET A 9 11.68 21.19 -11.74
N LEU A 10 12.34 21.73 -10.72
CA LEU A 10 12.04 23.07 -10.29
C LEU A 10 12.70 24.14 -11.16
N GLY A 11 13.85 23.82 -11.75
CA GLY A 11 14.44 24.69 -12.79
C GLY A 11 13.52 24.96 -13.98
N GLU A 12 12.77 23.96 -14.41
CA GLU A 12 11.76 24.09 -15.49
C GLU A 12 10.52 24.81 -15.02
N ALA A 13 10.04 24.44 -13.85
CA ALA A 13 8.97 25.17 -13.22
C ALA A 13 9.29 26.68 -13.09
N ARG A 14 10.50 27.01 -12.65
CA ARG A 14 10.91 28.40 -12.49
C ARG A 14 10.87 29.20 -13.77
N LYS A 15 11.58 28.67 -14.79
CA LYS A 15 11.69 29.31 -16.13
C LYS A 15 10.33 29.49 -16.84
N HIS A 16 9.39 28.58 -16.62
CA HIS A 16 8.06 28.67 -17.26
C HIS A 16 6.97 29.26 -16.36
N LYS A 17 7.35 29.67 -15.15
CA LYS A 17 6.40 30.19 -14.18
C LYS A 17 5.19 29.25 -13.93
N TYR A 18 5.49 28.11 -13.29
CA TYR A 18 4.48 27.21 -12.71
C TYR A 18 5.05 26.57 -11.46
N GLY A 19 4.19 25.90 -10.71
CA GLY A 19 4.64 25.22 -9.51
C GLY A 19 4.28 23.75 -9.63
N VAL A 20 5.04 22.90 -8.94
CA VAL A 20 4.79 21.47 -8.91
C VAL A 20 4.38 21.05 -7.50
N GLY A 21 3.31 20.29 -7.37
CA GLY A 21 2.78 19.93 -6.04
C GLY A 21 3.67 18.84 -5.51
N ALA A 22 4.05 18.94 -4.23
CA ALA A 22 4.84 17.87 -3.63
C ALA A 22 3.93 17.10 -2.65
N PHE A 23 3.62 15.85 -2.98
CA PHE A 23 2.60 15.18 -2.20
C PHE A 23 3.20 14.14 -1.27
N ASN A 24 2.80 14.19 0.01
CA ASN A 24 3.28 13.21 0.96
C ASN A 24 2.64 11.84 0.81
N VAL A 25 3.47 10.80 0.86
CA VAL A 25 3.04 9.43 0.60
C VAL A 25 3.26 8.50 1.80
N ASN A 26 2.33 7.58 1.99
CA ASN A 26 2.31 6.76 3.18
C ASN A 26 2.00 5.30 2.88
N ASN A 27 1.29 5.06 1.79
CA ASN A 27 0.86 3.69 1.44
C ASN A 27 0.38 3.62 0.00
N MET A 28 -0.09 2.44 -0.42
CA MET A 28 -0.39 2.17 -1.83
C MET A 28 -1.46 3.06 -2.41
N GLU A 29 -2.57 3.19 -1.70
CA GLU A 29 -3.76 3.90 -2.23
C GLU A 29 -3.41 5.40 -2.33
N GLN A 30 -2.42 5.84 -1.56
CA GLN A 30 -2.00 7.21 -1.63
C GLN A 30 -1.13 7.46 -2.85
N ILE A 31 -0.11 6.62 -3.07
CA ILE A 31 0.72 6.82 -4.26
C ILE A 31 -0.12 6.74 -5.51
N GLN A 32 -1.08 5.81 -5.56
CA GLN A 32 -1.97 5.61 -6.70
C GLN A 32 -2.88 6.79 -6.99
N GLY A 33 -3.58 7.26 -5.97
CA GLY A 33 -4.35 8.48 -6.10
C GLY A 33 -3.59 9.65 -6.70
N ILE A 34 -2.44 9.97 -6.15
CA ILE A 34 -1.57 11.03 -6.68
C ILE A 34 -1.16 10.76 -8.15
N MET A 35 -0.68 9.55 -8.44
CA MET A 35 -0.18 9.21 -9.79
C MET A 35 -1.28 9.17 -10.86
N LYS A 36 -2.49 8.77 -10.50
CA LYS A 36 -3.56 8.80 -11.48
C LYS A 36 -3.80 10.25 -11.91
N ALA A 37 -3.63 11.18 -10.96
CA ALA A 37 -3.88 12.61 -11.20
C ALA A 37 -2.84 13.23 -12.11
N VAL A 38 -1.57 13.09 -11.76
CA VAL A 38 -0.51 13.69 -12.53
C VAL A 38 -0.34 13.05 -13.90
N VAL A 39 -0.67 11.76 -13.99
CA VAL A 39 -0.70 11.03 -15.26
C VAL A 39 -1.80 11.60 -16.18
N GLN A 40 -3.01 11.68 -15.66
CA GLN A 40 -4.13 12.23 -16.43
C GLN A 40 -3.83 13.64 -16.96
N LEU A 41 -3.14 14.45 -16.16
CA LEU A 41 -2.79 15.85 -16.50
C LEU A 41 -1.35 16.04 -17.06
N LYS A 42 -0.63 14.95 -17.30
CA LYS A 42 0.71 14.99 -17.89
C LYS A 42 1.57 16.02 -17.17
N SER A 43 1.57 15.92 -15.84
CA SER A 43 2.29 16.80 -14.96
C SER A 43 3.49 16.08 -14.35
N PRO A 44 4.57 16.84 -14.13
CA PRO A 44 5.64 16.25 -13.29
C PRO A 44 5.13 16.15 -11.82
N VAL A 45 5.82 15.34 -11.00
CA VAL A 45 5.45 15.10 -9.62
C VAL A 45 6.66 14.97 -8.68
N ILE A 46 6.47 15.44 -7.45
CA ILE A 46 7.32 15.14 -6.34
C ILE A 46 6.50 14.29 -5.40
N LEU A 47 7.01 13.09 -5.18
CA LEU A 47 6.52 12.18 -4.17
C LEU A 47 7.45 12.33 -2.99
N GLN A 48 6.92 12.77 -1.85
CA GLN A 48 7.82 12.95 -0.73
C GLN A 48 7.54 12.05 0.45
N CYS A 49 8.63 11.65 1.11
CA CYS A 49 8.55 10.77 2.26
C CYS A 49 9.06 11.44 3.53
N SER A 50 8.20 11.56 4.54
CA SER A 50 8.65 12.02 5.85
C SER A 50 9.44 10.93 6.55
N ARG A 51 10.10 11.28 7.64
CA ARG A 51 10.72 10.25 8.47
C ARG A 51 9.61 9.33 9.01
N GLY A 52 8.49 9.94 9.41
CA GLY A 52 7.35 9.26 10.03
C GLY A 52 6.59 8.31 9.11
N ALA A 53 6.59 8.64 7.81
CA ALA A 53 6.04 7.77 6.77
C ALA A 53 7.01 6.64 6.48
N LEU A 54 8.30 6.88 6.72
CA LEU A 54 9.28 5.79 6.60
C LEU A 54 9.11 4.81 7.75
N LYS A 55 8.75 5.34 8.93
CA LYS A 55 8.51 4.53 10.13
C LYS A 55 7.27 3.69 9.86
N TYR A 56 6.15 4.36 9.60
CA TYR A 56 4.89 3.69 9.27
C TYR A 56 5.02 2.41 8.41
N SER A 57 5.98 2.43 7.47
CA SER A 57 6.10 1.42 6.41
C SER A 57 7.47 0.72 6.37
N ASP A 58 8.17 0.71 7.49
CA ASP A 58 9.44 0.01 7.57
C ASP A 58 10.30 0.24 6.31
N MET A 59 10.22 1.46 5.77
CA MET A 59 11.03 1.98 4.65
C MET A 59 10.87 1.27 3.30
N ILE A 60 11.16 -0.04 3.29
CA ILE A 60 11.27 -0.84 2.07
C ILE A 60 9.93 -0.91 1.34
N TYR A 61 8.85 -1.10 2.09
CA TYR A 61 7.55 -1.07 1.49
C TYR A 61 7.34 0.23 0.72
N LEU A 62 7.67 1.36 1.36
CA LEU A 62 7.54 2.67 0.73
C LEU A 62 8.53 2.91 -0.41
N LYS A 63 9.74 2.38 -0.26
CA LYS A 63 10.72 2.34 -1.35
C LYS A 63 10.08 1.69 -2.56
N LYS A 64 9.51 0.51 -2.34
CA LYS A 64 9.03 -0.33 -3.43
C LYS A 64 7.79 0.21 -4.14
N LEU A 65 6.90 0.89 -3.39
CA LEU A 65 5.79 1.61 -4.02
C LEU A 65 6.28 2.69 -4.99
N CYS A 66 7.27 3.47 -4.57
CA CYS A 66 7.88 4.46 -5.44
C CYS A 66 8.46 3.89 -6.73
N GLU A 67 9.16 2.77 -6.63
CA GLU A 67 9.60 2.01 -7.78
C GLU A 67 8.46 1.62 -8.67
N ALA A 68 7.35 1.18 -8.09
CA ALA A 68 6.28 0.70 -8.89
C ALA A 68 5.72 1.85 -9.71
N ALA A 69 5.82 3.08 -9.20
CA ALA A 69 5.25 4.24 -9.88
C ALA A 69 6.22 4.74 -10.92
N LEU A 70 7.50 4.64 -10.61
CA LEU A 70 8.56 5.04 -11.54
C LEU A 70 8.54 4.14 -12.74
N GLU A 71 8.20 2.88 -12.48
CA GLU A 71 8.20 1.86 -13.48
C GLU A 71 6.88 1.79 -14.22
N LYS A 72 5.79 2.07 -13.51
CA LYS A 72 4.48 1.97 -14.17
C LYS A 72 4.34 3.12 -15.14
N HIS A 73 4.93 4.26 -14.78
CA HIS A 73 4.79 5.49 -15.54
C HIS A 73 6.17 6.07 -15.89
N PRO A 74 6.87 5.44 -16.86
CA PRO A 74 8.20 5.92 -17.26
C PRO A 74 8.20 7.30 -17.95
N ASP A 75 7.02 7.70 -18.44
CA ASP A 75 6.81 8.97 -19.14
C ASP A 75 6.95 10.20 -18.26
N ILE A 76 6.51 10.06 -17.01
CA ILE A 76 6.38 11.15 -16.04
C ILE A 76 7.72 11.39 -15.36
N PRO A 77 8.19 12.65 -15.33
CA PRO A 77 9.32 12.94 -14.42
C PRO A 77 8.88 12.84 -12.94
N ILE A 78 9.62 12.10 -12.12
CA ILE A 78 9.21 11.73 -10.76
C ILE A 78 10.40 11.88 -9.83
N CYS A 79 10.34 12.92 -9.00
CA CYS A 79 11.36 13.15 -7.99
C CYS A 79 10.91 12.53 -6.67
N ILE A 80 11.75 11.62 -6.20
CA ILE A 80 11.63 11.09 -4.86
C ILE A 80 12.45 11.98 -3.96
N HIS A 81 11.77 12.53 -2.97
CA HIS A 81 12.26 13.60 -2.15
C HIS A 81 12.07 13.30 -0.65
N LEU A 82 13.16 13.36 0.14
CA LEU A 82 13.06 13.27 1.60
C LEU A 82 12.60 14.59 2.23
N ASP A 83 11.38 14.58 2.76
CA ASP A 83 10.80 15.74 3.41
C ASP A 83 11.28 15.83 4.85
N HIS A 84 11.61 17.03 5.28
CA HIS A 84 12.01 17.33 6.68
C HIS A 84 13.13 16.47 7.26
N GLY A 85 14.21 16.25 6.49
CA GLY A 85 15.36 15.59 7.06
C GLY A 85 15.77 16.42 8.26
N ASP A 86 15.90 15.78 9.42
CA ASP A 86 16.42 16.45 10.64
C ASP A 86 17.95 16.35 10.81
N THR A 87 18.51 15.17 10.58
CA THR A 87 19.96 14.92 10.76
C THR A 87 20.65 14.70 9.41
N LEU A 88 21.97 14.65 9.42
CA LEU A 88 22.74 14.31 8.23
C LEU A 88 22.59 12.82 7.89
N GLU A 89 22.22 12.05 8.90
CA GLU A 89 22.21 10.59 8.79
C GLU A 89 20.91 10.12 8.20
N SER A 90 19.82 10.78 8.58
CA SER A 90 18.52 10.58 7.93
C SER A 90 18.56 10.83 6.41
N VAL A 91 19.46 11.73 5.98
CA VAL A 91 19.69 12.00 4.56
C VAL A 91 20.37 10.81 3.91
N LYS A 92 21.49 10.38 4.50
CA LYS A 92 22.22 9.18 4.05
C LYS A 92 21.26 8.01 3.80
N MET A 93 20.46 7.67 4.81
CA MET A 93 19.48 6.58 4.74
C MET A 93 18.62 6.63 3.47
N ALA A 94 18.25 7.83 3.03
CA ALA A 94 17.31 8.02 1.92
C ALA A 94 17.97 8.06 0.52
N ILE A 95 19.10 8.75 0.38
CA ILE A 95 19.86 8.66 -0.86
C ILE A 95 20.06 7.20 -1.27
N ASP A 96 20.19 6.32 -0.28
CA ASP A 96 20.55 4.92 -0.51
C ASP A 96 19.33 4.09 -0.87
N LEU A 97 18.17 4.54 -0.38
CA LEU A 97 16.89 4.03 -0.87
C LEU A 97 16.58 4.64 -2.24
N GLY A 98 17.62 4.99 -3.01
CA GLY A 98 17.49 5.65 -4.32
C GLY A 98 16.71 6.96 -4.48
N PHE A 99 16.63 7.81 -3.45
CA PHE A 99 16.01 9.15 -3.58
C PHE A 99 16.77 10.12 -4.51
N SER A 100 16.04 10.98 -5.20
CA SER A 100 16.62 11.95 -6.12
C SER A 100 16.85 13.31 -5.45
N SER A 101 16.39 13.46 -4.21
CA SER A 101 16.29 14.77 -3.59
C SER A 101 16.05 14.67 -2.08
N VAL A 102 16.68 15.59 -1.35
CA VAL A 102 16.50 15.67 0.09
C VAL A 102 16.25 17.09 0.60
N MET A 103 15.45 17.19 1.65
CA MET A 103 15.39 18.40 2.45
C MET A 103 16.20 18.22 3.76
N ILE A 104 17.05 19.18 4.09
CA ILE A 104 17.58 19.27 5.45
C ILE A 104 16.91 20.46 6.17
N ASP A 105 16.13 20.17 7.21
CA ASP A 105 15.37 21.24 7.90
C ASP A 105 16.00 21.78 9.20
N ALA A 106 16.87 22.78 9.06
CA ALA A 106 17.57 23.35 10.20
C ALA A 106 17.05 24.74 10.59
N SER A 107 15.75 24.98 10.35
CA SER A 107 15.14 26.30 10.46
C SER A 107 14.87 26.72 11.91
N HIS A 108 15.03 25.78 12.85
CA HIS A 108 14.83 26.07 14.25
C HIS A 108 16.13 26.35 14.97
N HIS A 109 17.24 26.17 14.25
CA HIS A 109 18.53 26.59 14.72
C HIS A 109 18.82 27.99 14.21
N PRO A 110 19.64 28.76 14.95
CA PRO A 110 20.19 30.05 14.52
C PRO A 110 20.76 29.98 13.11
N PHE A 111 20.87 31.13 12.45
CA PHE A 111 21.39 31.21 11.09
C PHE A 111 22.63 30.37 10.91
N ASP A 112 23.68 30.69 11.68
CA ASP A 112 25.01 30.11 11.48
C ASP A 112 25.01 28.60 11.68
N GLU A 113 24.23 28.13 12.64
CA GLU A 113 24.06 26.69 12.88
C GLU A 113 23.19 26.07 11.77
N ASN A 114 22.21 26.82 11.26
CA ASN A 114 21.44 26.43 10.08
C ASN A 114 22.32 26.26 8.84
N VAL A 115 23.15 27.26 8.54
CA VAL A 115 23.99 27.22 7.37
C VAL A 115 24.97 26.04 7.44
N ARG A 116 25.44 25.75 8.65
CA ARG A 116 26.47 24.75 8.89
C ARG A 116 25.91 23.34 8.71
N ILE A 117 24.81 23.05 9.41
CA ILE A 117 24.11 21.78 9.30
C ILE A 117 23.74 21.48 7.84
N THR A 118 23.34 22.51 7.10
CA THR A 118 22.96 22.43 5.69
C THR A 118 24.14 22.12 4.77
N LYS A 119 25.18 22.97 4.80
CA LYS A 119 26.37 22.79 3.95
C LYS A 119 26.91 21.39 4.07
N GLU A 120 26.67 20.77 5.23
CA GLU A 120 27.07 19.41 5.52
C GLU A 120 26.26 18.48 4.64
N VAL A 121 24.92 18.59 4.74
CA VAL A 121 24.01 17.83 3.88
C VAL A 121 24.21 18.15 2.39
N VAL A 122 24.51 19.41 2.08
CA VAL A 122 24.76 19.82 0.70
C VAL A 122 26.00 19.12 0.11
N ALA A 123 27.04 18.98 0.91
CA ALA A 123 28.30 18.34 0.51
C ALA A 123 28.13 16.84 0.21
N TYR A 124 27.49 16.15 1.15
CA TYR A 124 27.17 14.76 1.00
C TYR A 124 26.21 14.52 -0.19
N ALA A 125 25.15 15.32 -0.28
CA ALA A 125 24.11 15.12 -1.31
C ALA A 125 24.54 15.48 -2.73
N HIS A 126 25.13 16.67 -2.87
CA HIS A 126 25.62 17.19 -4.14
C HIS A 126 26.65 16.29 -4.86
N ALA A 127 27.37 15.49 -4.09
CA ALA A 127 28.44 14.64 -4.60
C ALA A 127 27.88 13.35 -5.23
N ARG A 128 26.65 13.03 -4.83
CA ARG A 128 25.92 11.89 -5.36
C ARG A 128 24.78 12.37 -6.25
N SER A 129 24.86 13.64 -6.69
CA SER A 129 23.92 14.22 -7.66
C SER A 129 22.54 14.56 -7.13
N VAL A 130 22.32 14.22 -5.87
CA VAL A 130 21.06 14.41 -5.16
C VAL A 130 20.86 15.87 -4.77
N SER A 131 19.63 16.35 -4.98
CA SER A 131 19.22 17.73 -4.71
C SER A 131 18.91 17.98 -3.25
N VAL A 132 19.17 19.21 -2.81
CA VAL A 132 18.95 19.62 -1.44
C VAL A 132 18.06 20.86 -1.34
N GLU A 133 17.00 20.73 -0.55
CA GLU A 133 16.13 21.82 -0.20
C GLU A 133 16.46 22.12 1.25
N ALA A 134 16.51 23.40 1.58
CA ALA A 134 16.68 23.78 2.95
C ALA A 134 15.72 24.91 3.24
N GLU A 135 15.68 25.34 4.49
CA GLU A 135 14.69 26.34 4.86
C GLU A 135 15.28 27.47 5.69
N LEU A 136 14.93 28.71 5.33
CA LEU A 136 15.20 29.88 6.18
C LEU A 136 13.88 30.51 6.67
N GLY A 137 13.74 30.61 7.99
CA GLY A 137 12.48 31.07 8.59
C GLY A 137 11.64 29.90 9.06
N THR A 138 10.75 30.13 10.01
CA THR A 138 9.99 29.03 10.63
C THR A 138 8.49 29.10 10.33
N LEU A 139 7.85 27.93 10.17
CA LEU A 139 6.40 27.88 9.96
C LEU A 139 5.60 28.35 11.20
N GLY A 140 4.38 28.84 10.96
CA GLY A 140 3.55 29.41 12.02
C GLY A 140 2.64 30.50 11.47
N GLY A 141 1.49 30.67 12.10
CA GLY A 141 0.57 31.71 11.71
C GLY A 141 1.00 33.03 12.28
N ILE A 142 0.66 34.10 11.58
CA ILE A 142 1.12 35.43 11.93
C ILE A 142 0.35 35.97 13.12
N GLU A 143 -0.98 35.91 13.07
CA GLU A 143 -1.83 36.41 14.16
C GLU A 143 -1.58 35.65 15.47
N GLN A 147 3.89 39.39 20.95
CA GLN A 147 3.87 38.02 21.45
C GLN A 147 4.58 37.02 20.54
N ASN A 148 4.89 37.45 19.31
CA ASN A 148 5.31 36.54 18.26
C ASN A 148 6.76 36.06 18.29
N THR A 149 6.98 34.87 17.75
CA THR A 149 8.29 34.31 17.57
C THR A 149 8.47 33.64 16.21
N VAL A 150 7.40 33.58 15.41
CA VAL A 150 7.47 33.10 14.03
C VAL A 150 8.48 33.95 13.27
N GLN A 151 9.40 33.28 12.59
CA GLN A 151 10.48 33.99 11.94
C GLN A 151 10.29 33.94 10.46
N LEU A 152 9.58 34.93 9.94
CA LEU A 152 9.38 35.08 8.53
C LEU A 152 10.75 35.27 7.85
N THR A 153 10.87 34.78 6.62
CA THR A 153 12.10 34.93 5.85
C THR A 153 12.38 36.40 5.53
N GLU A 154 13.55 36.85 5.97
CA GLU A 154 14.08 38.12 5.55
C GLU A 154 14.81 37.95 4.20
N PRO A 155 14.30 38.58 3.12
CA PRO A 155 14.91 38.42 1.79
C PRO A 155 16.41 38.69 1.74
N GLN A 156 16.92 39.57 2.62
CA GLN A 156 18.37 39.82 2.67
C GLN A 156 19.12 38.64 3.23
N ASP A 157 18.53 37.96 4.21
CA ASP A 157 19.15 36.79 4.81
C ASP A 157 19.18 35.68 3.79
N ALA A 158 18.02 35.39 3.20
CA ALA A 158 17.92 34.39 2.15
C ALA A 158 19.02 34.53 1.08
N LYS A 159 19.28 35.75 0.61
CA LYS A 159 20.34 35.97 -0.38
C LYS A 159 21.67 35.41 0.12
N LYS A 160 22.01 35.75 1.36
CA LYS A 160 23.23 35.30 1.97
C LYS A 160 23.22 33.79 2.26
N PHE A 161 22.07 33.26 2.66
CA PHE A 161 21.92 31.82 2.92
C PHE A 161 22.23 30.94 1.70
N VAL A 162 21.75 31.35 0.54
CA VAL A 162 21.95 30.57 -0.66
C VAL A 162 23.37 30.77 -1.19
N GLU A 163 23.93 31.95 -0.93
CA GLU A 163 25.30 32.21 -1.31
C GLU A 163 26.29 31.39 -0.46
N LEU A 164 25.95 31.19 0.82
CA LEU A 164 26.77 30.39 1.73
C LEU A 164 26.61 28.87 1.49
N THR A 165 25.38 28.36 1.68
CA THR A 165 25.07 26.94 1.58
C THR A 165 25.16 26.31 0.17
N GLY A 166 24.68 27.04 -0.84
CA GLY A 166 24.62 26.50 -2.21
C GLY A 166 23.48 25.52 -2.50
N VAL A 167 22.40 25.59 -1.70
CA VAL A 167 21.22 24.71 -1.87
C VAL A 167 20.54 24.87 -3.22
N ASP A 168 19.81 23.84 -3.64
CA ASP A 168 19.15 23.82 -4.95
C ASP A 168 17.81 24.56 -4.93
N ALA A 169 17.15 24.55 -3.77
CA ALA A 169 15.87 25.25 -3.64
C ALA A 169 15.61 25.63 -2.18
N LEU A 170 14.86 26.70 -1.95
CA LEU A 170 14.72 27.25 -0.58
C LEU A 170 13.29 27.33 -0.08
N ALA A 171 13.03 26.69 1.05
CA ALA A 171 11.74 26.80 1.68
C ALA A 171 11.70 28.10 2.48
N VAL A 172 10.63 28.86 2.29
CA VAL A 172 10.49 30.18 2.89
C VAL A 172 9.31 30.20 3.84
N ALA A 173 9.32 31.16 4.78
CA ALA A 173 8.27 31.26 5.78
C ALA A 173 7.46 32.52 5.54
N ILE A 174 6.19 32.31 5.17
CA ILE A 174 5.30 33.39 4.77
C ILE A 174 3.95 33.37 5.50
N GLY A 175 3.84 32.58 6.56
CA GLY A 175 2.62 32.58 7.38
C GLY A 175 1.80 31.31 7.35
N THR A 176 2.26 30.32 6.60
CA THR A 176 1.67 28.97 6.63
C THR A 176 2.18 28.14 7.81
N SER A 177 1.50 27.01 8.03
CA SER A 177 1.85 26.03 9.06
C SER A 177 1.24 24.69 8.65
N HIS A 178 1.60 23.61 9.33
CA HIS A 178 1.07 22.31 8.92
C HIS A 178 -0.33 22.09 9.45
N GLY A 179 -1.01 21.14 8.84
CA GLY A 179 -2.23 20.62 9.42
C GLY A 179 -3.45 21.34 8.94
N ALA A 180 -4.57 21.02 9.58
CA ALA A 180 -5.89 21.45 9.16
C ALA A 180 -6.41 22.77 9.75
N TYR A 181 -5.63 23.41 10.62
CA TYR A 181 -6.10 24.60 11.33
C TYR A 181 -5.11 25.74 11.24
N LYS A 182 -4.81 26.15 9.99
CA LYS A 182 -3.82 27.19 9.68
C LYS A 182 -4.23 28.61 10.05
N PHE A 183 -5.53 28.86 10.09
CA PHE A 183 -6.08 30.17 10.43
C PHE A 183 -7.33 30.04 11.27
N LYS A 184 -7.65 31.11 12.01
CA LYS A 184 -8.79 31.12 12.93
C LYS A 184 -10.17 31.14 12.24
N SER A 185 -10.20 31.61 10.99
CA SER A 185 -11.39 31.50 10.13
C SER A 185 -11.04 31.89 8.69
N GLU A 186 -11.97 31.66 7.78
CA GLU A 186 -11.78 31.93 6.35
C GLU A 186 -11.64 33.40 5.99
N SER A 187 -12.06 34.29 6.90
CA SER A 187 -11.88 35.71 6.69
C SER A 187 -10.56 36.24 7.27
N ASP A 188 -9.96 35.47 8.19
CA ASP A 188 -8.73 35.90 8.87
C ASP A 188 -7.41 35.45 8.20
N ILE A 189 -7.39 35.38 6.85
CA ILE A 189 -6.21 34.87 6.15
C ILE A 189 -5.09 35.91 6.05
N ARG A 190 -4.02 35.66 6.81
CA ARG A 190 -2.95 36.59 6.90
C ARG A 190 -1.66 35.95 6.45
N LEU A 191 -1.30 36.21 5.20
CA LEU A 191 -0.10 35.61 4.58
C LEU A 191 0.85 36.67 4.07
N ALA A 192 2.13 36.29 3.95
CA ALA A 192 3.22 37.23 3.62
C ALA A 192 3.85 36.92 2.28
N ILE A 193 3.03 36.93 1.25
CA ILE A 193 3.46 36.50 -0.08
C ILE A 193 4.18 37.58 -0.92
N ASP A 194 4.08 38.84 -0.52
CA ASP A 194 4.81 39.92 -1.18
C ASP A 194 6.33 39.72 -1.27
N ARG A 195 6.96 39.18 -0.23
CA ARG A 195 8.41 38.90 -0.22
C ARG A 195 8.88 37.84 -1.19
N VAL A 196 7.93 37.04 -1.68
CA VAL A 196 8.28 35.89 -2.52
C VAL A 196 9.15 36.35 -3.70
N LYS A 197 8.64 37.29 -4.51
CA LYS A 197 9.41 37.81 -5.66
C LYS A 197 10.78 38.36 -5.29
N THR A 198 10.91 38.95 -4.11
CA THR A 198 12.18 39.52 -3.72
C THR A 198 13.17 38.43 -3.33
N ILE A 199 12.68 37.42 -2.59
CA ILE A 199 13.46 36.21 -2.27
C ILE A 199 13.87 35.50 -3.54
N SER A 200 12.97 35.43 -4.51
CA SER A 200 13.26 34.75 -5.76
C SER A 200 14.28 35.51 -6.63
N ASP A 201 14.14 36.83 -6.68
CA ASP A 201 15.08 37.71 -7.40
C ASP A 201 16.49 37.70 -6.82
N LEU A 202 16.58 37.90 -5.51
CA LEU A 202 17.82 37.95 -4.74
C LEU A 202 18.57 36.64 -4.64
N THR A 203 17.86 35.53 -4.52
CA THR A 203 18.54 34.24 -4.42
C THR A 203 18.76 33.59 -5.80
N GLY A 204 17.87 33.86 -6.75
CA GLY A 204 17.97 33.28 -8.09
C GLY A 204 17.60 31.80 -8.22
N ILE A 205 17.03 31.21 -7.17
CA ILE A 205 16.66 29.80 -7.20
C ILE A 205 15.17 29.61 -6.90
N PRO A 206 14.59 28.47 -7.33
CA PRO A 206 13.26 27.92 -6.97
C PRO A 206 12.99 27.97 -5.48
N LEU A 207 11.76 28.33 -5.12
CA LEU A 207 11.35 28.37 -3.71
C LEU A 207 10.24 27.36 -3.46
N VAL A 208 10.09 26.95 -2.21
CA VAL A 208 9.14 25.90 -1.82
C VAL A 208 8.20 26.48 -0.76
N MET A 209 6.92 26.16 -0.86
CA MET A 209 5.92 26.56 0.12
C MET A 209 5.48 25.34 0.91
N HIS A 210 5.80 25.34 2.19
CA HIS A 210 5.37 24.30 3.10
C HIS A 210 4.01 24.69 3.66
N GLY A 211 3.26 23.71 4.18
CA GLY A 211 2.01 24.01 4.93
C GLY A 211 0.91 24.54 4.03
N SER A 212 0.81 24.00 2.82
CA SER A 212 0.00 24.62 1.77
C SER A 212 -1.20 23.80 1.29
N SER A 213 -1.75 22.96 2.16
CA SER A 213 -3.04 22.36 1.90
C SER A 213 -4.05 23.47 1.82
N SER A 214 -5.05 23.32 0.96
CA SER A 214 -6.10 24.36 0.81
C SER A 214 -7.37 24.09 1.58
N VAL A 215 -7.51 22.87 2.09
CA VAL A 215 -8.70 22.39 2.79
C VAL A 215 -9.96 22.69 1.96
N PRO A 216 -10.09 22.03 0.78
CA PRO A 216 -11.20 22.42 -0.10
C PRO A 216 -12.55 22.07 0.51
N LYS A 217 -13.55 22.86 0.12
CA LYS A 217 -14.94 22.74 0.57
C LYS A 217 -15.50 21.31 0.57
N ASP A 218 -15.26 20.60 -0.52
CA ASP A 218 -15.90 19.32 -0.76
C ASP A 218 -15.41 18.27 0.23
N VAL A 219 -14.10 18.31 0.50
CA VAL A 219 -13.43 17.38 1.37
C VAL A 219 -13.84 17.56 2.84
N LYS A 220 -13.76 18.80 3.32
CA LYS A 220 -14.15 19.17 4.66
C LYS A 220 -15.62 18.84 4.87
N ASP A 221 -16.46 19.16 3.90
CA ASP A 221 -17.91 19.01 4.05
C ASP A 221 -18.28 17.54 4.14
N MET A 222 -17.52 16.69 3.47
CA MET A 222 -17.84 15.26 3.47
C MET A 222 -17.39 14.61 4.77
N ILE A 223 -16.26 15.07 5.33
CA ILE A 223 -15.84 14.64 6.65
C ILE A 223 -16.90 15.04 7.68
N ASN A 224 -17.36 16.29 7.60
CA ASN A 224 -18.30 16.83 8.56
C ASN A 224 -19.73 16.36 8.35
N LYS A 225 -20.04 15.81 7.17
CA LYS A 225 -21.37 15.31 6.90
C LYS A 225 -21.52 13.89 7.46
N TYR A 226 -20.44 13.11 7.37
CA TYR A 226 -20.53 11.69 7.69
C TYR A 226 -19.83 11.29 9.01
N GLY A 227 -20.23 11.97 10.08
CA GLY A 227 -19.78 11.66 11.44
C GLY A 227 -18.58 12.45 11.93
N GLY A 228 -17.91 13.15 11.02
CA GLY A 228 -16.67 13.87 11.31
C GLY A 228 -16.84 15.11 12.15
N LYS A 229 -15.81 15.40 12.95
CA LYS A 229 -15.81 16.63 13.77
C LYS A 229 -14.59 17.47 13.39
N MET A 230 -14.71 18.19 12.27
CA MET A 230 -13.69 19.14 11.84
C MET A 230 -14.34 20.43 11.35
N PRO A 231 -15.09 21.13 12.23
CA PRO A 231 -15.96 22.22 11.77
C PRO A 231 -15.23 23.51 11.45
N ASP A 232 -14.03 23.65 12.03
CA ASP A 232 -13.25 24.89 11.99
C ASP A 232 -11.99 24.72 11.14
N ALA A 233 -11.89 23.64 10.39
CA ALA A 233 -10.76 23.48 9.48
C ALA A 233 -10.74 24.56 8.37
N VAL A 234 -9.53 25.08 8.13
CA VAL A 234 -9.20 26.18 7.24
C VAL A 234 -7.75 25.94 6.74
N GLY A 235 -7.51 26.04 5.43
CA GLY A 235 -6.12 26.01 4.86
C GLY A 235 -5.76 27.23 4.01
N VAL A 236 -4.68 27.11 3.20
CA VAL A 236 -4.28 28.19 2.28
C VAL A 236 -5.19 28.27 1.02
N PRO A 237 -5.78 29.45 0.71
CA PRO A 237 -6.62 29.59 -0.47
C PRO A 237 -5.80 29.39 -1.73
N ILE A 238 -6.36 28.72 -2.72
CA ILE A 238 -5.54 28.36 -3.90
C ILE A 238 -5.02 29.61 -4.64
N GLU A 239 -5.81 30.68 -4.56
CA GLU A 239 -5.48 32.01 -5.12
C GLU A 239 -4.15 32.50 -4.56
N SER A 240 -4.01 32.51 -3.24
CA SER A 240 -2.72 32.89 -2.64
C SER A 240 -1.55 32.11 -3.20
N ILE A 241 -1.70 30.78 -3.27
CA ILE A 241 -0.70 29.88 -3.87
C ILE A 241 -0.35 30.18 -5.33
N VAL A 242 -1.36 30.48 -6.15
CA VAL A 242 -1.10 30.87 -7.52
C VAL A 242 -0.38 32.23 -7.54
N HIS A 243 -0.80 33.18 -6.69
CA HIS A 243 -0.01 34.42 -6.53
C HIS A 243 1.46 34.10 -6.23
N ALA A 244 1.68 33.32 -5.17
CA ALA A 244 3.01 32.97 -4.76
C ALA A 244 3.78 32.28 -5.88
N ILE A 245 3.10 31.42 -6.64
CA ILE A 245 3.76 30.64 -7.69
C ILE A 245 4.41 31.52 -8.75
N GLY A 246 3.67 32.52 -9.22
CA GLY A 246 4.11 33.38 -10.31
C GLY A 246 5.19 34.39 -9.94
N GLU A 247 5.41 34.56 -8.63
CA GLU A 247 6.50 35.34 -8.09
C GLU A 247 7.73 34.47 -7.76
N GLY A 248 7.63 33.15 -7.91
CA GLY A 248 8.85 32.32 -7.71
C GLY A 248 8.80 31.04 -6.90
N VAL A 249 7.71 30.82 -6.16
CA VAL A 249 7.44 29.51 -5.55
C VAL A 249 7.20 28.42 -6.58
N CYS A 250 8.08 27.42 -6.58
CA CYS A 250 8.07 26.39 -7.62
C CYS A 250 7.69 25.00 -7.13
N LYS A 251 7.55 24.84 -5.82
CA LYS A 251 7.24 23.53 -5.20
C LYS A 251 6.27 23.83 -4.05
N ILE A 252 5.24 23.01 -3.90
CA ILE A 252 4.15 23.28 -2.95
C ILE A 252 3.84 21.99 -2.22
N ASN A 253 4.01 22.02 -0.91
CA ASN A 253 3.87 20.84 -0.09
C ASN A 253 2.44 20.64 0.41
N VAL A 254 1.84 19.51 0.01
CA VAL A 254 0.43 19.19 0.29
C VAL A 254 0.28 17.78 0.90
N ASP A 255 -0.34 17.71 2.09
CA ASP A 255 -0.47 16.44 2.78
C ASP A 255 -1.82 16.27 3.42
N SER A 256 -2.26 17.26 4.22
CA SER A 256 -3.52 17.18 4.98
C SER A 256 -4.74 17.07 4.07
N ASP A 257 -4.62 17.60 2.85
CA ASP A 257 -5.74 17.64 1.88
C ASP A 257 -6.00 16.21 1.42
N SER A 258 -4.94 15.46 1.16
CA SER A 258 -5.02 14.05 0.80
C SER A 258 -5.50 13.21 1.98
N ARG A 259 -5.02 13.49 3.17
CA ARG A 259 -5.49 12.77 4.36
C ARG A 259 -7.00 12.97 4.53
N MET A 260 -7.43 14.20 4.32
CA MET A 260 -8.86 14.55 4.47
C MET A 260 -9.75 13.96 3.34
N ALA A 261 -9.24 13.96 2.11
CA ALA A 261 -9.94 13.39 0.94
C ALA A 261 -10.16 11.89 1.18
N MET A 262 -9.13 11.20 1.67
CA MET A 262 -9.23 9.78 2.03
C MET A 262 -10.27 9.46 3.12
N THR A 263 -10.25 10.20 4.22
CA THR A 263 -11.15 9.99 5.37
C THR A 263 -12.61 10.22 5.06
N GLY A 264 -12.91 11.29 4.30
CA GLY A 264 -14.25 11.63 3.94
C GLY A 264 -14.89 10.51 3.18
N ALA A 265 -14.17 10.07 2.15
CA ALA A 265 -14.53 8.98 1.27
C ALA A 265 -14.87 7.69 2.03
N ILE A 266 -13.99 7.27 2.94
CA ILE A 266 -14.25 6.15 3.87
C ILE A 266 -15.44 6.37 4.84
N ARG A 267 -15.57 7.57 5.40
CA ARG A 267 -16.72 7.87 6.28
C ARG A 267 -18.07 7.82 5.56
N LYS A 268 -18.08 8.26 4.30
CA LYS A 268 -19.30 8.22 3.49
C LYS A 268 -19.65 6.76 3.14
N VAL A 269 -18.68 5.94 2.68
CA VAL A 269 -18.93 4.48 2.54
C VAL A 269 -19.41 3.80 3.85
N PHE A 270 -18.78 4.17 4.95
CA PHE A 270 -19.16 3.63 6.23
C PHE A 270 -20.60 3.94 6.58
N VAL A 271 -21.11 5.07 6.09
CA VAL A 271 -22.49 5.50 6.39
C VAL A 271 -23.52 5.04 5.32
N GLU A 272 -23.22 5.22 4.03
CA GLU A 272 -24.10 4.82 2.92
C GLU A 272 -24.25 3.29 2.72
N HIS A 273 -23.20 2.53 3.08
CA HIS A 273 -23.16 1.08 2.93
C HIS A 273 -22.52 0.43 4.16
N PRO A 274 -23.19 0.46 5.32
CA PRO A 274 -22.67 -0.11 6.54
C PRO A 274 -22.41 -1.62 6.49
N GLU A 275 -22.97 -2.31 5.50
CA GLU A 275 -22.72 -3.76 5.30
C GLU A 275 -21.32 -4.13 4.78
N LYS A 276 -20.57 -3.14 4.30
CA LYS A 276 -19.35 -3.42 3.53
C LYS A 276 -18.10 -3.49 4.42
N PHE A 277 -17.29 -4.51 4.24
CA PHE A 277 -16.24 -4.77 5.19
C PHE A 277 -14.93 -5.05 4.52
N ASP A 278 -14.95 -5.12 3.19
CA ASP A 278 -13.71 -5.27 2.40
C ASP A 278 -13.09 -3.88 2.36
N PRO A 279 -11.87 -3.78 2.88
CA PRO A 279 -11.16 -2.48 2.84
C PRO A 279 -11.03 -1.89 1.42
N ARG A 280 -11.07 -2.74 0.40
CA ARG A 280 -11.00 -2.26 -0.98
C ARG A 280 -12.23 -1.41 -1.24
N ASP A 281 -13.34 -1.75 -0.57
CA ASP A 281 -14.61 -1.06 -0.74
C ASP A 281 -14.59 0.38 -0.24
N TYR A 282 -13.61 0.75 0.58
CA TYR A 282 -13.60 2.12 1.11
C TYR A 282 -12.28 2.83 0.83
N LEU A 283 -11.21 2.07 0.68
CA LEU A 283 -9.90 2.61 0.35
C LEU A 283 -9.83 2.89 -1.13
N GLY A 284 -10.57 2.13 -1.94
CA GLY A 284 -10.64 2.42 -3.37
C GLY A 284 -11.27 3.78 -3.61
N PRO A 285 -12.51 3.99 -3.12
CA PRO A 285 -13.12 5.30 -3.00
C PRO A 285 -12.18 6.35 -2.41
N GLY A 286 -11.46 6.03 -1.33
CA GLY A 286 -10.51 6.94 -0.74
C GLY A 286 -9.38 7.26 -1.69
N ARG A 287 -8.93 6.28 -2.48
CA ARG A 287 -7.96 6.52 -3.54
C ARG A 287 -8.55 7.48 -4.61
N ASP A 288 -9.77 7.20 -5.06
CA ASP A 288 -10.45 8.00 -6.09
C ASP A 288 -10.69 9.47 -5.69
N ALA A 289 -11.06 9.69 -4.42
CA ALA A 289 -11.30 11.01 -3.91
C ALA A 289 -10.02 11.80 -3.82
N ILE A 290 -8.95 11.17 -3.36
CA ILE A 290 -7.61 11.78 -3.52
C ILE A 290 -7.43 12.29 -4.94
N THR A 291 -7.65 11.44 -5.91
CA THR A 291 -7.39 11.82 -7.32
C THR A 291 -8.23 13.00 -7.75
N GLU A 292 -9.50 12.99 -7.40
CA GLU A 292 -10.43 14.05 -7.82
C GLU A 292 -10.19 15.39 -7.12
N MET A 293 -9.71 15.34 -5.88
CA MET A 293 -9.34 16.53 -5.11
C MET A 293 -8.14 17.20 -5.76
N LEU A 294 -7.31 16.39 -6.40
CA LEU A 294 -6.01 16.81 -6.75
C LEU A 294 -5.99 17.33 -8.19
N ILE A 295 -7.01 17.02 -9.00
CA ILE A 295 -7.06 17.44 -10.42
C ILE A 295 -7.10 18.99 -10.57
N PRO A 296 -8.11 19.69 -9.96
CA PRO A 296 -8.12 21.15 -10.00
C PRO A 296 -6.91 21.79 -9.37
N LYS A 297 -6.39 21.17 -8.31
CA LYS A 297 -5.22 21.67 -7.61
C LYS A 297 -3.98 21.67 -8.48
N ILE A 298 -3.70 20.54 -9.15
CA ILE A 298 -2.56 20.41 -10.10
C ILE A 298 -2.62 21.43 -11.22
N LYS A 299 -3.82 21.67 -11.77
CA LYS A 299 -3.97 22.61 -12.89
C LYS A 299 -3.69 24.03 -12.42
N ALA A 300 -4.14 24.36 -11.21
CA ALA A 300 -3.88 25.70 -10.64
C ALA A 300 -2.40 25.90 -10.39
N PHE A 301 -1.72 24.88 -9.85
CA PHE A 301 -0.27 25.01 -9.62
C PHE A 301 0.42 25.31 -10.95
N GLY A 302 -0.10 24.72 -12.04
CA GLY A 302 0.32 25.06 -13.40
C GLY A 302 1.20 24.07 -14.12
N SER A 303 1.46 22.91 -13.51
CA SER A 303 2.42 21.93 -14.02
C SER A 303 1.78 20.95 -15.01
N ALA A 304 0.47 21.04 -15.14
CA ALA A 304 -0.28 20.25 -16.08
C ALA A 304 0.18 20.54 -17.48
N GLY A 305 0.48 19.45 -18.18
CA GLY A 305 0.89 19.48 -19.58
C GLY A 305 2.37 19.59 -19.80
N HIS A 306 3.17 19.50 -18.73
CA HIS A 306 4.59 19.81 -18.81
C HIS A 306 5.49 18.60 -18.60
N ALA A 307 4.92 17.42 -18.37
CA ALA A 307 5.72 16.21 -18.16
C ALA A 307 6.76 15.93 -19.28
N GLY A 308 6.41 16.22 -20.54
CA GLY A 308 7.34 16.01 -21.65
C GLY A 308 8.07 17.22 -22.16
N ASP A 309 8.15 18.27 -21.36
CA ASP A 309 8.89 19.47 -21.73
C ASP A 309 10.40 19.24 -21.84
N TYR A 310 10.90 18.24 -21.12
CA TYR A 310 12.34 18.06 -20.99
C TYR A 310 12.77 16.61 -20.93
N LYS A 311 14.01 16.35 -21.35
CA LYS A 311 14.61 15.03 -21.19
C LYS A 311 15.31 14.96 -19.83
N VAL A 312 14.96 13.95 -19.06
CA VAL A 312 15.32 13.88 -17.65
C VAL A 312 16.77 13.46 -17.44
N VAL A 313 17.54 14.36 -16.81
CA VAL A 313 18.94 14.09 -16.47
C VAL A 313 19.05 13.16 -15.26
N SER A 314 19.80 12.07 -15.43
CA SER A 314 20.00 11.05 -14.40
C SER A 314 20.69 11.59 -13.17
N LEU A 315 20.41 10.99 -12.01
CA LEU A 315 21.17 11.32 -10.80
C LEU A 315 22.63 11.36 -11.18
N GLU A 316 23.04 10.39 -11.98
CA GLU A 316 24.42 10.22 -12.38
C GLU A 316 25.00 11.48 -13.01
N GLU A 317 24.36 11.96 -14.08
CA GLU A 317 24.84 13.13 -14.83
C GLU A 317 24.64 14.46 -14.08
N ALA A 318 23.83 14.41 -13.02
CA ALA A 318 23.69 15.53 -12.08
C ALA A 318 24.97 15.79 -11.26
N LYS A 319 25.84 14.79 -11.15
CA LYS A 319 27.11 14.95 -10.42
C LYS A 319 28.02 16.02 -11.02
N ALA A 320 27.71 16.45 -12.26
CA ALA A 320 28.51 17.42 -13.02
C ALA A 320 28.13 18.87 -12.80
N TRP A 321 26.85 19.14 -12.51
CA TRP A 321 26.38 20.50 -12.26
C TRP A 321 27.17 21.18 -11.14
N TYR A 322 27.61 20.37 -10.19
CA TYR A 322 28.21 20.84 -8.97
C TYR A 322 29.73 20.82 -9.10
N LYS A 323 30.26 19.68 -9.57
CA LYS A 323 31.67 19.53 -9.94
C LYS A 323 32.07 20.39 -11.16
N PRO B 2 12.67 -16.94 1.60
CA PRO B 2 12.83 -16.77 0.17
C PRO B 2 11.56 -17.21 -0.54
N LEU B 3 11.41 -16.78 -1.80
CA LEU B 3 10.27 -17.20 -2.63
C LEU B 3 10.21 -18.72 -2.74
N CYS B 4 9.13 -19.29 -2.19
CA CYS B 4 8.93 -20.73 -2.16
C CYS B 4 7.82 -21.20 -3.08
N THR B 5 7.93 -22.44 -3.57
CA THR B 5 6.81 -23.07 -4.26
C THR B 5 5.74 -23.56 -3.28
N LEU B 6 4.50 -23.56 -3.74
CA LEU B 6 3.43 -24.26 -3.05
C LEU B 6 3.78 -25.78 -2.94
N ARG B 7 4.42 -26.32 -3.97
CA ARG B 7 4.79 -27.73 -3.99
C ARG B 7 5.60 -28.14 -2.77
N GLN B 8 6.67 -27.42 -2.48
CA GLN B 8 7.53 -27.73 -1.35
C GLN B 8 6.93 -27.35 0.00
N MET B 9 6.44 -26.13 0.09
CA MET B 9 5.79 -25.63 1.28
C MET B 9 4.71 -26.59 1.79
N LEU B 10 3.83 -27.06 0.90
CA LEU B 10 2.78 -27.97 1.32
C LEU B 10 3.27 -29.40 1.40
N GLY B 11 4.25 -29.74 0.56
CA GLY B 11 5.00 -30.97 0.77
C GLY B 11 5.34 -31.12 2.24
N GLU B 12 5.93 -30.08 2.81
CA GLU B 12 6.42 -30.12 4.21
C GLU B 12 5.29 -30.10 5.25
N ALA B 13 4.24 -29.33 4.95
CA ALA B 13 3.02 -29.34 5.74
C ALA B 13 2.46 -30.77 5.90
N ARG B 14 2.36 -31.49 4.77
CA ARG B 14 1.72 -32.79 4.72
C ARG B 14 2.52 -33.72 5.61
N LYS B 15 3.79 -33.82 5.27
CA LYS B 15 4.79 -34.57 6.03
C LYS B 15 4.62 -34.36 7.53
N HIS B 16 4.66 -33.12 8.02
CA HIS B 16 4.62 -32.88 9.49
C HIS B 16 3.22 -32.75 10.09
N LYS B 17 2.21 -32.97 9.24
CA LYS B 17 0.79 -32.86 9.60
C LYS B 17 0.42 -31.49 10.13
N TYR B 18 0.96 -30.44 9.51
CA TYR B 18 0.56 -29.09 9.87
C TYR B 18 -0.11 -28.37 8.67
N GLY B 19 -0.92 -27.35 8.94
CA GLY B 19 -1.54 -26.57 7.85
C GLY B 19 -0.92 -25.17 7.76
N VAL B 20 -0.80 -24.62 6.54
CA VAL B 20 -0.29 -23.24 6.37
C VAL B 20 -1.42 -22.31 5.95
N GLY B 21 -1.70 -21.28 6.76
CA GLY B 21 -2.71 -20.30 6.39
C GLY B 21 -2.31 -19.58 5.10
N ALA B 22 -3.31 -19.34 4.27
CA ALA B 22 -3.06 -18.72 3.00
C ALA B 22 -3.93 -17.51 2.99
N PHE B 23 -3.26 -16.36 3.03
CA PHE B 23 -3.86 -15.08 3.35
C PHE B 23 -3.86 -14.12 2.20
N ASN B 24 -5.06 -13.73 1.80
CA ASN B 24 -5.24 -12.76 0.74
C ASN B 24 -4.78 -11.39 1.21
N VAL B 25 -4.02 -10.71 0.36
CA VAL B 25 -3.49 -9.35 0.64
C VAL B 25 -3.94 -8.44 -0.51
N ASN B 26 -4.11 -7.15 -0.25
CA ASN B 26 -4.51 -6.22 -1.32
C ASN B 26 -3.77 -4.89 -1.32
N ASN B 27 -3.19 -4.53 -0.17
CA ASN B 27 -2.45 -3.30 -0.05
C ASN B 27 -1.22 -3.52 0.84
N MET B 28 -0.48 -2.44 1.15
CA MET B 28 0.72 -2.51 2.00
C MET B 28 0.40 -2.95 3.44
N GLU B 29 -0.65 -2.37 4.04
CA GLU B 29 -1.03 -2.65 5.42
C GLU B 29 -1.49 -4.07 5.68
N GLN B 30 -2.10 -4.71 4.69
CA GLN B 30 -2.51 -6.10 4.84
C GLN B 30 -1.31 -7.05 4.82
N ILE B 31 -0.37 -6.88 3.89
CA ILE B 31 0.86 -7.67 3.84
C ILE B 31 1.66 -7.52 5.14
N GLN B 32 1.83 -6.26 5.58
CA GLN B 32 2.51 -5.95 6.84
C GLN B 32 1.82 -6.59 8.04
N GLY B 33 0.49 -6.60 8.03
CA GLY B 33 -0.24 -7.29 9.11
C GLY B 33 -0.01 -8.81 9.17
N ILE B 34 0.15 -9.41 8.00
CA ILE B 34 0.40 -10.85 7.88
C ILE B 34 1.85 -11.11 8.25
N MET B 35 2.77 -10.53 7.48
CA MET B 35 4.20 -10.75 7.72
C MET B 35 4.56 -10.63 9.21
N LYS B 36 4.01 -9.60 9.86
CA LYS B 36 4.23 -9.38 11.30
C LYS B 36 3.94 -10.68 12.01
N ALA B 37 2.74 -11.21 11.79
CA ALA B 37 2.24 -12.42 12.44
C ALA B 37 3.13 -13.64 12.19
N VAL B 38 3.51 -13.90 10.94
CA VAL B 38 4.29 -15.11 10.66
C VAL B 38 5.78 -15.02 11.01
N VAL B 39 6.34 -13.80 10.96
CA VAL B 39 7.74 -13.58 11.36
C VAL B 39 7.88 -13.87 12.85
N GLN B 40 6.94 -13.34 13.64
CA GLN B 40 6.96 -13.51 15.08
C GLN B 40 7.01 -15.00 15.42
N LEU B 41 6.18 -15.80 14.74
CA LEU B 41 6.07 -17.23 14.98
C LEU B 41 6.88 -18.07 14.01
N LYS B 42 7.82 -17.44 13.33
CA LYS B 42 8.73 -18.14 12.39
C LYS B 42 7.97 -19.18 11.61
N SER B 43 6.84 -18.75 11.05
CA SER B 43 5.94 -19.59 10.26
C SER B 43 6.15 -19.37 8.78
N PRO B 44 6.10 -20.44 7.98
CA PRO B 44 6.01 -20.25 6.52
C PRO B 44 4.72 -19.51 6.17
N VAL B 45 4.64 -18.86 5.01
CA VAL B 45 3.41 -18.10 4.73
C VAL B 45 3.08 -18.21 3.27
N ILE B 46 1.80 -18.35 2.97
CA ILE B 46 1.31 -18.12 1.61
C ILE B 46 0.62 -16.74 1.53
N LEU B 47 1.16 -15.85 0.70
CA LEU B 47 0.47 -14.57 0.40
C LEU B 47 -0.24 -14.80 -0.90
N GLN B 48 -1.54 -14.64 -0.88
CA GLN B 48 -2.26 -14.85 -2.13
C GLN B 48 -3.06 -13.64 -2.61
N CYS B 49 -3.05 -13.46 -3.94
CA CYS B 49 -3.77 -12.36 -4.60
C CYS B 49 -4.77 -12.87 -5.63
N SER B 50 -6.05 -12.56 -5.46
CA SER B 50 -7.03 -12.74 -6.54
C SER B 50 -6.78 -11.77 -7.71
N ARG B 51 -7.33 -12.09 -8.88
CA ARG B 51 -7.25 -11.24 -10.07
C ARG B 51 -7.77 -9.83 -9.76
N GLY B 52 -8.72 -9.73 -8.84
CA GLY B 52 -9.24 -8.47 -8.32
C GLY B 52 -8.25 -7.67 -7.51
N ALA B 53 -7.58 -8.32 -6.56
CA ALA B 53 -6.35 -7.80 -5.88
C ALA B 53 -5.35 -7.18 -6.86
N LEU B 54 -5.06 -7.90 -7.93
CA LEU B 54 -4.08 -7.44 -8.95
C LEU B 54 -4.59 -6.27 -9.75
N LYS B 55 -5.89 -6.24 -10.02
CA LYS B 55 -6.52 -5.11 -10.72
C LYS B 55 -6.49 -3.83 -9.85
N TYR B 56 -6.87 -3.99 -8.57
CA TYR B 56 -6.94 -2.92 -7.59
C TYR B 56 -5.57 -2.28 -7.36
N SER B 57 -4.54 -3.10 -7.27
CA SER B 57 -3.20 -2.60 -7.02
C SER B 57 -2.44 -2.29 -8.33
N ASP B 58 -3.20 -2.17 -9.43
CA ASP B 58 -2.64 -2.10 -10.79
C ASP B 58 -1.52 -3.13 -11.08
N MET B 59 -1.57 -4.28 -10.41
CA MET B 59 -0.59 -5.34 -10.63
C MET B 59 0.81 -5.06 -10.06
N ILE B 60 1.49 -4.05 -10.59
CA ILE B 60 2.90 -3.79 -10.24
C ILE B 60 3.02 -3.38 -8.78
N TYR B 61 2.02 -2.66 -8.25
CA TYR B 61 2.13 -2.22 -6.88
C TYR B 61 2.22 -3.41 -5.91
N LEU B 62 1.39 -4.43 -6.10
CA LEU B 62 1.37 -5.67 -5.29
C LEU B 62 2.65 -6.49 -5.46
N LYS B 63 3.14 -6.59 -6.69
CA LYS B 63 4.40 -7.22 -7.00
C LYS B 63 5.50 -6.64 -6.09
N LYS B 64 5.74 -5.33 -6.23
CA LYS B 64 6.74 -4.59 -5.43
C LYS B 64 6.56 -4.68 -3.92
N LEU B 65 5.32 -4.52 -3.44
CA LEU B 65 5.02 -4.78 -2.01
C LEU B 65 5.42 -6.20 -1.58
N CYS B 66 5.13 -7.19 -2.45
CA CYS B 66 5.56 -8.57 -2.20
C CYS B 66 7.07 -8.75 -2.21
N GLU B 67 7.75 -8.13 -3.18
CA GLU B 67 9.23 -8.07 -3.25
C GLU B 67 9.81 -7.50 -1.95
N ALA B 68 9.08 -6.57 -1.34
CA ALA B 68 9.48 -5.89 -0.09
C ALA B 68 9.40 -6.82 1.11
N ALA B 69 8.41 -7.71 1.10
CA ALA B 69 8.22 -8.71 2.16
C ALA B 69 9.24 -9.86 2.07
N LEU B 70 9.66 -10.16 0.84
CA LEU B 70 10.69 -11.14 0.50
C LEU B 70 12.09 -10.66 0.88
N GLU B 71 12.35 -9.39 0.60
CA GLU B 71 13.59 -8.77 0.97
C GLU B 71 13.64 -8.47 2.50
N LYS B 72 12.54 -7.98 3.07
CA LYS B 72 12.52 -7.71 4.50
C LYS B 72 12.71 -8.96 5.35
N HIS B 73 12.25 -10.12 4.86
CA HIS B 73 12.32 -11.34 5.65
C HIS B 73 12.90 -12.51 4.89
N PRO B 74 14.25 -12.56 4.75
CA PRO B 74 14.79 -13.59 3.88
C PRO B 74 14.79 -14.95 4.57
N ASP B 75 14.46 -14.98 5.85
CA ASP B 75 14.39 -16.22 6.64
C ASP B 75 13.13 -17.06 6.37
N ILE B 76 12.03 -16.39 6.00
CA ILE B 76 10.75 -17.05 5.85
C ILE B 76 10.49 -17.62 4.45
N PRO B 77 10.05 -18.90 4.38
CA PRO B 77 9.55 -19.39 3.13
C PRO B 77 8.24 -18.65 2.81
N ILE B 78 8.21 -18.01 1.65
CA ILE B 78 7.10 -17.17 1.26
C ILE B 78 6.67 -17.54 -0.13
N CYS B 79 5.42 -17.94 -0.23
CA CYS B 79 4.87 -18.39 -1.47
C CYS B 79 3.89 -17.33 -1.89
N ILE B 80 4.08 -16.80 -3.11
CA ILE B 80 3.15 -15.84 -3.69
C ILE B 80 2.27 -16.60 -4.68
N HIS B 81 0.97 -16.61 -4.40
CA HIS B 81 0.03 -17.48 -5.05
C HIS B 81 -1.10 -16.71 -5.74
N LEU B 82 -1.43 -17.12 -6.95
CA LEU B 82 -2.60 -16.59 -7.56
C LEU B 82 -3.81 -17.34 -7.07
N ASP B 83 -4.69 -16.64 -6.37
CA ASP B 83 -5.94 -17.20 -5.91
C ASP B 83 -7.03 -17.08 -7.01
N HIS B 84 -7.66 -18.22 -7.31
CA HIS B 84 -8.84 -18.29 -8.18
C HIS B 84 -8.62 -17.74 -9.58
N GLY B 85 -7.59 -18.21 -10.28
CA GLY B 85 -7.50 -18.03 -11.73
C GLY B 85 -8.71 -18.66 -12.42
N ASP B 86 -9.29 -17.94 -13.37
CA ASP B 86 -10.41 -18.44 -14.15
C ASP B 86 -9.93 -18.99 -15.49
N THR B 87 -8.76 -18.50 -15.94
CA THR B 87 -8.28 -18.73 -17.29
C THR B 87 -6.78 -18.83 -17.31
N LEU B 88 -6.27 -19.44 -18.38
CA LEU B 88 -4.85 -19.42 -18.71
C LEU B 88 -4.34 -17.98 -18.82
N GLU B 89 -5.23 -17.08 -19.23
CA GLU B 89 -4.86 -15.70 -19.42
C GLU B 89 -4.37 -15.06 -18.12
N SER B 90 -5.16 -15.18 -17.04
CA SER B 90 -4.74 -14.62 -15.77
C SER B 90 -3.56 -15.39 -15.14
N VAL B 91 -3.50 -16.69 -15.38
CA VAL B 91 -2.37 -17.50 -14.92
C VAL B 91 -1.06 -16.96 -15.50
N LYS B 92 -1.10 -16.58 -16.78
CA LYS B 92 0.05 -15.99 -17.44
C LYS B 92 0.48 -14.69 -16.77
N MET B 93 -0.49 -13.81 -16.61
CA MET B 93 -0.28 -12.50 -16.01
C MET B 93 0.41 -12.59 -14.65
N ALA B 94 0.06 -13.63 -13.88
CA ALA B 94 0.62 -13.78 -12.55
C ALA B 94 2.01 -14.36 -12.58
N ILE B 95 2.23 -15.24 -13.54
CA ILE B 95 3.53 -15.83 -13.77
C ILE B 95 4.58 -14.75 -14.12
N ASP B 96 4.25 -13.93 -15.11
CA ASP B 96 5.10 -12.81 -15.55
C ASP B 96 5.38 -11.81 -14.44
N LEU B 97 4.47 -11.71 -13.47
CA LEU B 97 4.71 -10.91 -12.25
C LEU B 97 5.65 -11.56 -11.23
N GLY B 98 6.13 -12.77 -11.56
CA GLY B 98 7.01 -13.53 -10.68
C GLY B 98 6.36 -14.39 -9.61
N PHE B 99 5.05 -14.73 -9.72
CA PHE B 99 4.43 -15.63 -8.71
C PHE B 99 5.08 -17.03 -8.77
N SER B 100 5.17 -17.68 -7.61
CA SER B 100 5.72 -19.04 -7.47
C SER B 100 4.63 -20.11 -7.42
N SER B 101 3.37 -19.70 -7.61
CA SER B 101 2.24 -20.60 -7.64
C SER B 101 0.99 -19.95 -8.27
N VAL B 102 0.11 -20.79 -8.82
CA VAL B 102 -1.18 -20.35 -9.34
C VAL B 102 -2.27 -21.35 -8.96
N MET B 103 -3.51 -20.87 -8.93
CA MET B 103 -4.66 -21.72 -8.84
C MET B 103 -5.51 -21.54 -10.06
N ILE B 104 -5.82 -22.65 -10.74
CA ILE B 104 -6.80 -22.62 -11.83
C ILE B 104 -8.11 -23.20 -11.32
N ASP B 105 -9.15 -22.38 -11.33
CA ASP B 105 -10.45 -22.77 -10.81
C ASP B 105 -11.45 -23.02 -11.95
N ALA B 106 -11.54 -24.28 -12.38
CA ALA B 106 -12.46 -24.66 -13.45
C ALA B 106 -13.55 -25.57 -12.89
N SER B 107 -13.61 -25.61 -11.57
CA SER B 107 -14.53 -26.46 -10.84
C SER B 107 -16.00 -26.44 -11.33
N HIS B 108 -16.36 -25.41 -12.08
CA HIS B 108 -17.77 -25.18 -12.53
C HIS B 108 -18.12 -25.78 -13.88
N HIS B 109 -17.12 -26.04 -14.71
CA HIS B 109 -17.31 -26.78 -15.93
C HIS B 109 -17.39 -28.29 -15.61
N PRO B 110 -18.03 -29.11 -16.48
CA PRO B 110 -17.98 -30.56 -16.21
C PRO B 110 -16.56 -31.13 -16.16
N PHE B 111 -16.45 -32.33 -15.59
CA PHE B 111 -15.17 -32.95 -15.21
C PHE B 111 -14.07 -32.88 -16.26
N ASP B 112 -14.42 -33.14 -17.51
CA ASP B 112 -13.44 -33.31 -18.58
C ASP B 112 -12.94 -31.95 -19.02
N GLU B 113 -13.84 -30.97 -18.99
CA GLU B 113 -13.51 -29.57 -19.30
C GLU B 113 -12.62 -28.97 -18.21
N ASN B 114 -12.97 -29.25 -16.95
CA ASN B 114 -12.06 -28.99 -15.83
C ASN B 114 -10.67 -29.51 -16.15
N VAL B 115 -10.60 -30.82 -16.41
CA VAL B 115 -9.33 -31.54 -16.61
C VAL B 115 -8.59 -30.97 -17.80
N ARG B 116 -9.36 -30.68 -18.86
CA ARG B 116 -8.86 -30.02 -20.06
C ARG B 116 -8.19 -28.69 -19.66
N ILE B 117 -9.01 -27.73 -19.27
CA ILE B 117 -8.55 -26.40 -18.81
C ILE B 117 -7.36 -26.41 -17.82
N THR B 118 -7.31 -27.42 -16.95
CA THR B 118 -6.26 -27.52 -15.93
C THR B 118 -4.94 -28.02 -16.48
N LYS B 119 -4.97 -29.08 -17.29
CA LYS B 119 -3.75 -29.65 -17.91
C LYS B 119 -2.95 -28.55 -18.66
N GLU B 120 -3.72 -27.74 -19.39
CA GLU B 120 -3.29 -26.57 -20.13
C GLU B 120 -2.48 -25.61 -19.27
N VAL B 121 -3.00 -25.30 -18.08
CA VAL B 121 -2.31 -24.45 -17.10
C VAL B 121 -1.12 -25.18 -16.45
N VAL B 122 -1.32 -26.45 -16.14
CA VAL B 122 -0.28 -27.27 -15.53
C VAL B 122 0.93 -27.40 -16.46
N ALA B 123 0.66 -27.65 -17.75
CA ALA B 123 1.71 -27.70 -18.80
C ALA B 123 2.47 -26.40 -18.85
N TYR B 124 1.71 -25.30 -18.84
CA TYR B 124 2.29 -23.96 -18.88
C TYR B 124 3.11 -23.59 -17.65
N ALA B 125 2.44 -23.62 -16.47
CA ALA B 125 3.02 -23.30 -15.20
C ALA B 125 4.23 -24.16 -14.83
N HIS B 126 4.13 -25.47 -15.02
CA HIS B 126 5.19 -26.39 -14.57
C HIS B 126 6.46 -26.23 -15.37
N ALA B 127 6.32 -25.66 -16.58
CA ALA B 127 7.50 -25.27 -17.39
C ALA B 127 8.40 -24.27 -16.65
N ARG B 128 7.83 -23.32 -15.93
CA ARG B 128 8.64 -22.34 -15.18
C ARG B 128 8.93 -22.68 -13.72
N SER B 129 8.35 -23.76 -13.24
CA SER B 129 8.63 -24.23 -11.92
C SER B 129 7.49 -23.88 -11.01
N VAL B 130 6.44 -23.28 -11.57
CA VAL B 130 5.32 -22.73 -10.80
C VAL B 130 4.39 -23.88 -10.37
N SER B 131 3.97 -23.91 -9.09
CA SER B 131 3.01 -24.91 -8.61
C SER B 131 1.64 -24.63 -9.20
N VAL B 132 0.71 -25.58 -9.11
CA VAL B 132 -0.67 -25.42 -9.60
C VAL B 132 -1.69 -26.05 -8.65
N GLU B 133 -2.46 -25.21 -7.99
CA GLU B 133 -3.62 -25.64 -7.27
C GLU B 133 -4.79 -25.66 -8.26
N ALA B 134 -5.58 -26.72 -8.24
CA ALA B 134 -6.84 -26.70 -8.97
C ALA B 134 -7.92 -27.21 -8.03
N GLU B 135 -9.17 -27.19 -8.49
CA GLU B 135 -10.30 -27.61 -7.69
C GLU B 135 -11.25 -28.57 -8.42
N LEU B 136 -11.68 -29.62 -7.71
CA LEU B 136 -12.82 -30.48 -8.12
C LEU B 136 -13.95 -30.44 -7.06
N GLY B 137 -15.16 -30.20 -7.53
CA GLY B 137 -16.30 -29.95 -6.66
C GLY B 137 -16.50 -28.45 -6.62
N THR B 138 -17.68 -28.01 -6.18
CA THR B 138 -17.93 -26.56 -6.12
C THR B 138 -18.24 -26.01 -4.72
N LEU B 139 -18.01 -24.71 -4.54
CA LEU B 139 -18.18 -24.06 -3.25
C LEU B 139 -19.63 -23.66 -3.03
N GLY B 140 -20.02 -23.65 -1.76
CA GLY B 140 -21.40 -23.35 -1.38
C GLY B 140 -21.80 -24.27 -0.24
N GLY B 141 -22.69 -23.81 0.63
CA GLY B 141 -23.15 -24.60 1.76
C GLY B 141 -23.99 -25.79 1.34
N ILE B 142 -24.25 -26.71 2.26
CA ILE B 142 -25.10 -27.87 1.98
C ILE B 142 -26.51 -27.67 2.54
N GLU B 143 -26.59 -27.10 3.76
CA GLU B 143 -27.86 -26.85 4.46
C GLU B 143 -28.38 -28.10 5.21
N ASN B 148 -30.73 -26.23 -4.75
CA ASN B 148 -29.31 -26.43 -4.51
C ASN B 148 -28.56 -27.00 -5.73
N THR B 149 -27.39 -26.43 -6.03
CA THR B 149 -26.60 -26.86 -7.19
C THR B 149 -25.12 -27.11 -6.90
N VAL B 150 -24.80 -27.33 -5.62
CA VAL B 150 -23.43 -27.56 -5.17
C VAL B 150 -22.99 -29.02 -5.40
N GLN B 151 -21.82 -29.21 -6.03
CA GLN B 151 -21.21 -30.54 -6.15
C GLN B 151 -20.07 -30.70 -5.15
N LEU B 152 -20.28 -31.47 -4.08
CA LEU B 152 -19.17 -31.84 -3.17
C LEU B 152 -18.20 -32.79 -3.87
N THR B 153 -16.90 -32.64 -3.61
CA THR B 153 -15.90 -33.49 -4.23
C THR B 153 -16.27 -34.96 -3.99
N GLU B 154 -16.25 -35.73 -5.09
CA GLU B 154 -16.33 -37.17 -5.05
C GLU B 154 -14.90 -37.63 -5.08
N PRO B 155 -14.41 -38.23 -3.99
CA PRO B 155 -13.04 -38.75 -3.78
C PRO B 155 -12.49 -39.65 -4.88
N GLN B 156 -13.34 -40.46 -5.51
CA GLN B 156 -12.84 -41.38 -6.55
C GLN B 156 -12.52 -40.62 -7.83
N ASP B 157 -13.27 -39.55 -8.09
CA ASP B 157 -13.02 -38.68 -9.21
C ASP B 157 -11.80 -37.85 -8.98
N ALA B 158 -11.69 -37.33 -7.75
CA ALA B 158 -10.51 -36.58 -7.31
C ALA B 158 -9.20 -37.27 -7.69
N LYS B 159 -9.10 -38.57 -7.34
CA LYS B 159 -7.95 -39.43 -7.64
C LYS B 159 -7.59 -39.39 -9.12
N LYS B 160 -8.61 -39.60 -9.95
CA LYS B 160 -8.47 -39.61 -11.40
C LYS B 160 -8.08 -38.22 -11.89
N PHE B 161 -8.87 -37.22 -11.53
CA PHE B 161 -8.55 -35.82 -11.81
C PHE B 161 -7.08 -35.51 -11.60
N VAL B 162 -6.53 -35.90 -10.45
CA VAL B 162 -5.12 -35.59 -10.08
C VAL B 162 -4.13 -36.36 -10.93
N GLU B 163 -4.46 -37.61 -11.27
CA GLU B 163 -3.62 -38.42 -12.16
C GLU B 163 -3.63 -37.87 -13.59
N LEU B 164 -4.82 -37.51 -14.07
CA LEU B 164 -5.03 -36.89 -15.37
C LEU B 164 -4.34 -35.53 -15.55
N THR B 165 -4.34 -34.71 -14.51
CA THR B 165 -3.91 -33.30 -14.67
C THR B 165 -2.50 -32.96 -14.23
N GLY B 166 -2.00 -33.67 -13.22
CA GLY B 166 -0.65 -33.38 -12.70
C GLY B 166 -0.51 -32.26 -11.66
N VAL B 167 -1.62 -31.70 -11.17
CA VAL B 167 -1.57 -30.60 -10.16
C VAL B 167 -0.83 -30.97 -8.84
N ASP B 168 -0.17 -29.96 -8.25
CA ASP B 168 0.51 -30.07 -6.93
C ASP B 168 -0.41 -30.05 -5.72
N ALA B 169 -1.56 -29.38 -5.85
CA ALA B 169 -2.53 -29.25 -4.78
C ALA B 169 -3.93 -29.29 -5.35
N LEU B 170 -4.83 -29.92 -4.60
CA LEU B 170 -6.24 -29.96 -4.93
C LEU B 170 -7.13 -29.32 -3.85
N ALA B 171 -7.94 -28.34 -4.27
CA ALA B 171 -8.95 -27.72 -3.47
C ALA B 171 -10.24 -28.55 -3.50
N VAL B 172 -10.76 -28.82 -2.32
CA VAL B 172 -11.87 -29.75 -2.19
C VAL B 172 -13.12 -28.99 -1.90
N ALA B 173 -14.25 -29.63 -2.11
CA ALA B 173 -15.55 -29.03 -1.81
C ALA B 173 -16.25 -29.89 -0.81
N ILE B 174 -16.48 -29.32 0.37
CA ILE B 174 -16.98 -30.05 1.50
C ILE B 174 -17.99 -29.21 2.26
N GLY B 175 -18.58 -28.23 1.57
CA GLY B 175 -19.66 -27.41 2.15
C GLY B 175 -19.32 -25.97 2.58
N THR B 176 -18.05 -25.56 2.37
CA THR B 176 -17.61 -24.19 2.63
C THR B 176 -17.78 -23.28 1.42
N SER B 177 -18.06 -22.00 1.68
CA SER B 177 -18.29 -20.99 0.64
C SER B 177 -17.45 -19.74 0.95
N HIS B 178 -17.33 -18.83 -0.02
CA HIS B 178 -16.72 -17.51 0.23
C HIS B 178 -17.61 -16.60 1.07
N GLY B 179 -16.97 -15.77 1.89
CA GLY B 179 -17.66 -14.63 2.50
C GLY B 179 -18.03 -14.76 3.97
N ALA B 180 -18.62 -13.70 4.48
CA ALA B 180 -18.93 -13.60 5.90
C ALA B 180 -20.22 -14.29 6.30
N TYR B 181 -20.91 -14.91 5.35
CA TYR B 181 -22.24 -15.49 5.69
C TYR B 181 -22.40 -16.96 5.31
N LYS B 182 -21.47 -17.79 5.77
CA LYS B 182 -21.39 -19.22 5.42
C LYS B 182 -22.55 -20.11 5.83
N PHE B 183 -23.11 -19.87 7.01
CA PHE B 183 -24.22 -20.69 7.53
C PHE B 183 -25.32 -19.82 8.14
N LYS B 184 -26.57 -20.23 7.94
CA LYS B 184 -27.74 -19.42 8.34
C LYS B 184 -27.86 -19.31 9.85
N SER B 185 -27.87 -20.45 10.54
CA SER B 185 -27.77 -20.47 12.00
C SER B 185 -26.37 -20.95 12.40
N GLU B 186 -26.05 -20.90 13.69
CA GLU B 186 -24.80 -21.49 14.22
C GLU B 186 -25.03 -22.86 14.85
N SER B 187 -26.31 -23.23 14.96
CA SER B 187 -26.72 -24.57 15.34
C SER B 187 -26.39 -25.55 14.22
N ASP B 188 -26.72 -25.13 13.00
CA ASP B 188 -26.66 -25.96 11.81
C ASP B 188 -25.45 -25.59 10.93
N ILE B 189 -24.27 -25.91 11.45
CA ILE B 189 -23.02 -25.88 10.70
C ILE B 189 -22.75 -27.30 10.22
N ARG B 190 -22.98 -27.54 8.93
CA ARG B 190 -22.80 -28.87 8.37
C ARG B 190 -21.60 -28.96 7.42
N LEU B 191 -20.56 -29.60 7.93
CA LEU B 191 -19.35 -29.86 7.17
C LEU B 191 -19.26 -31.34 6.84
N ALA B 192 -18.69 -31.63 5.66
CA ALA B 192 -18.47 -33.01 5.22
C ALA B 192 -16.98 -33.32 5.26
N ILE B 193 -16.39 -33.24 6.44
CA ILE B 193 -14.93 -33.41 6.61
C ILE B 193 -14.47 -34.87 6.62
N ASP B 194 -15.42 -35.78 6.74
CA ASP B 194 -15.21 -37.23 6.64
C ASP B 194 -14.44 -37.63 5.38
N ARG B 195 -14.77 -37.00 4.26
CA ARG B 195 -14.19 -37.37 2.99
C ARG B 195 -12.77 -36.84 2.75
N VAL B 196 -12.40 -35.82 3.52
CA VAL B 196 -11.06 -35.23 3.44
C VAL B 196 -9.97 -36.28 3.55
N LYS B 197 -10.05 -37.16 4.56
CA LYS B 197 -9.05 -38.23 4.71
C LYS B 197 -9.04 -39.17 3.52
N THR B 198 -10.24 -39.46 3.00
CA THR B 198 -10.41 -40.28 1.82
C THR B 198 -9.75 -39.60 0.61
N ILE B 199 -10.10 -38.33 0.35
CA ILE B 199 -9.47 -37.60 -0.74
C ILE B 199 -7.95 -37.55 -0.56
N SER B 200 -7.46 -37.17 0.61
CA SER B 200 -6.01 -37.17 0.87
C SER B 200 -5.33 -38.49 0.56
N ASP B 201 -5.94 -39.60 0.98
CA ASP B 201 -5.38 -40.95 0.77
C ASP B 201 -5.33 -41.35 -0.70
N LEU B 202 -6.43 -41.08 -1.41
CA LEU B 202 -6.60 -41.46 -2.82
C LEU B 202 -5.75 -40.70 -3.78
N THR B 203 -5.61 -39.39 -3.57
CA THR B 203 -4.78 -38.57 -4.46
C THR B 203 -3.30 -38.58 -4.05
N GLY B 204 -3.04 -38.67 -2.75
CA GLY B 204 -1.68 -38.65 -2.22
C GLY B 204 -1.02 -37.28 -2.16
N ILE B 205 -1.79 -36.23 -2.49
CA ILE B 205 -1.26 -34.86 -2.51
C ILE B 205 -1.87 -33.95 -1.45
N PRO B 206 -1.21 -32.78 -1.19
CA PRO B 206 -1.76 -31.71 -0.36
C PRO B 206 -3.15 -31.23 -0.80
N LEU B 207 -4.04 -31.09 0.17
CA LEU B 207 -5.37 -30.56 -0.07
C LEU B 207 -5.51 -29.16 0.52
N VAL B 208 -6.50 -28.45 -0.02
CA VAL B 208 -6.72 -27.03 0.23
C VAL B 208 -8.17 -26.82 0.63
N MET B 209 -8.40 -26.03 1.67
CA MET B 209 -9.73 -25.69 2.06
C MET B 209 -9.92 -24.24 1.67
N HIS B 210 -10.94 -23.99 0.85
CA HIS B 210 -11.37 -22.63 0.51
C HIS B 210 -12.51 -22.24 1.40
N GLY B 211 -12.85 -20.96 1.37
CA GLY B 211 -13.89 -20.39 2.19
C GLY B 211 -13.70 -20.69 3.66
N SER B 212 -12.46 -20.66 4.15
CA SER B 212 -12.13 -21.12 5.52
C SER B 212 -12.14 -20.10 6.69
N SER B 213 -12.75 -18.93 6.49
CA SER B 213 -12.83 -17.91 7.54
C SER B 213 -13.71 -18.35 8.71
N SER B 214 -13.39 -17.87 9.90
CA SER B 214 -14.08 -18.27 11.11
C SER B 214 -15.13 -17.26 11.56
N VAL B 215 -15.19 -16.13 10.88
CA VAL B 215 -16.00 -15.03 11.29
C VAL B 215 -16.06 -14.76 12.77
N PRO B 216 -14.94 -14.80 13.41
CA PRO B 216 -14.91 -14.63 14.89
C PRO B 216 -15.75 -13.53 15.57
N LYS B 217 -16.60 -13.94 16.51
CA LYS B 217 -17.61 -13.08 17.16
C LYS B 217 -17.10 -11.74 17.70
N ASP B 218 -15.88 -11.78 18.24
CA ASP B 218 -15.18 -10.59 18.72
C ASP B 218 -15.25 -9.45 17.70
N VAL B 219 -14.75 -9.75 16.50
CA VAL B 219 -14.62 -8.79 15.40
C VAL B 219 -16.00 -8.38 14.84
N LYS B 220 -16.91 -9.35 14.79
CA LYS B 220 -18.24 -9.22 14.22
C LYS B 220 -19.03 -8.18 14.99
N ASP B 221 -19.11 -8.41 16.31
CA ASP B 221 -19.86 -7.57 17.22
C ASP B 221 -19.28 -6.16 17.15
N MET B 222 -17.95 -6.09 17.17
CA MET B 222 -17.18 -4.85 17.00
C MET B 222 -17.65 -4.00 15.80
N ILE B 223 -17.75 -4.62 14.62
CA ILE B 223 -18.24 -3.90 13.44
C ILE B 223 -19.63 -3.34 13.72
N ASN B 224 -20.54 -4.21 14.17
CA ASN B 224 -21.96 -3.84 14.44
C ASN B 224 -22.16 -2.81 15.56
N LYS B 225 -21.33 -2.96 16.60
CA LYS B 225 -21.17 -2.01 17.70
C LYS B 225 -20.88 -0.58 17.23
N TYR B 226 -20.03 -0.43 16.21
CA TYR B 226 -19.59 0.88 15.73
C TYR B 226 -20.04 1.25 14.29
N GLY B 227 -21.35 1.18 14.02
CA GLY B 227 -21.89 1.59 12.71
C GLY B 227 -22.10 0.53 11.64
N GLY B 228 -21.49 -0.63 11.80
CA GLY B 228 -21.58 -1.69 10.79
C GLY B 228 -22.83 -2.53 10.85
N LYS B 229 -23.14 -3.18 9.72
CA LYS B 229 -24.42 -3.89 9.51
C LYS B 229 -24.17 -5.26 8.92
N MET B 230 -23.66 -6.17 9.76
CA MET B 230 -23.29 -7.54 9.41
C MET B 230 -23.77 -8.53 10.49
N PRO B 231 -25.10 -8.59 10.70
CA PRO B 231 -25.64 -9.09 11.96
C PRO B 231 -25.62 -10.63 12.15
N ASP B 232 -26.15 -11.38 11.17
CA ASP B 232 -26.31 -12.81 11.32
C ASP B 232 -25.13 -13.56 10.67
N ALA B 233 -23.92 -13.02 10.85
CA ALA B 233 -22.73 -13.55 10.18
C ALA B 233 -22.08 -14.74 10.92
N VAL B 234 -21.96 -15.87 10.23
CA VAL B 234 -21.29 -17.07 10.77
C VAL B 234 -20.15 -17.62 9.86
N GLY B 235 -19.14 -18.23 10.48
CA GLY B 235 -18.01 -18.83 9.75
C GLY B 235 -17.86 -20.31 10.03
N VAL B 236 -16.70 -20.87 9.64
CA VAL B 236 -16.38 -22.28 9.92
C VAL B 236 -15.73 -22.32 11.29
N PRO B 237 -16.20 -23.20 12.18
CA PRO B 237 -15.52 -23.40 13.47
C PRO B 237 -14.08 -23.90 13.31
N ILE B 238 -13.21 -23.46 14.20
CA ILE B 238 -11.78 -23.64 14.01
C ILE B 238 -11.26 -25.06 14.32
N GLU B 239 -11.92 -25.78 15.22
CA GLU B 239 -11.51 -27.15 15.52
C GLU B 239 -11.80 -28.08 14.34
N SER B 240 -12.82 -27.72 13.54
CA SER B 240 -13.12 -28.37 12.25
C SER B 240 -11.95 -28.30 11.27
N ILE B 241 -11.30 -27.13 11.24
CA ILE B 241 -10.11 -26.86 10.44
C ILE B 241 -8.91 -27.61 11.02
N VAL B 242 -8.78 -27.66 12.33
CA VAL B 242 -7.69 -28.43 12.91
C VAL B 242 -7.91 -29.94 12.60
N HIS B 243 -9.18 -30.38 12.65
CA HIS B 243 -9.51 -31.77 12.31
C HIS B 243 -9.17 -32.08 10.86
N ALA B 244 -9.60 -31.21 9.96
CA ALA B 244 -9.28 -31.36 8.53
C ALA B 244 -7.78 -31.31 8.24
N ILE B 245 -7.03 -30.54 9.02
CA ILE B 245 -5.58 -30.53 8.88
C ILE B 245 -4.97 -31.90 9.19
N GLY B 246 -5.39 -32.49 10.32
CA GLY B 246 -4.96 -33.85 10.68
C GLY B 246 -5.28 -34.90 9.64
N GLU B 247 -6.40 -34.67 8.92
CA GLU B 247 -6.87 -35.58 7.87
C GLU B 247 -6.26 -35.34 6.50
N GLY B 248 -5.35 -34.35 6.38
CA GLY B 248 -4.70 -34.09 5.08
C GLY B 248 -4.79 -32.70 4.44
N VAL B 249 -5.57 -31.80 5.03
CA VAL B 249 -5.56 -30.41 4.58
C VAL B 249 -4.28 -29.63 4.93
N CYS B 250 -3.62 -29.11 3.91
CA CYS B 250 -2.35 -28.44 4.12
C CYS B 250 -2.39 -26.90 3.96
N LYS B 251 -3.43 -26.40 3.29
CA LYS B 251 -3.51 -25.00 2.92
C LYS B 251 -4.87 -24.58 3.36
N ILE B 252 -4.92 -23.49 4.14
CA ILE B 252 -6.16 -22.92 4.67
C ILE B 252 -6.35 -21.50 4.18
N ASN B 253 -7.29 -21.31 3.26
CA ASN B 253 -7.55 -20.01 2.65
C ASN B 253 -8.35 -19.09 3.57
N VAL B 254 -7.84 -17.89 3.82
CA VAL B 254 -8.38 -16.94 4.80
C VAL B 254 -8.33 -15.47 4.31
N ASP B 255 -9.51 -14.85 4.18
CA ASP B 255 -9.63 -13.51 3.60
C ASP B 255 -10.61 -12.61 4.34
N SER B 256 -11.84 -13.08 4.50
CA SER B 256 -12.89 -12.37 5.23
C SER B 256 -12.51 -11.97 6.66
N ASP B 257 -11.89 -12.89 7.38
CA ASP B 257 -11.44 -12.64 8.73
C ASP B 257 -10.53 -11.41 8.90
N SER B 258 -9.60 -11.24 7.96
CA SER B 258 -8.73 -10.07 7.89
C SER B 258 -9.50 -8.81 7.49
N ARG B 259 -10.28 -8.93 6.42
CA ARG B 259 -11.12 -7.83 5.99
C ARG B 259 -11.80 -7.24 7.20
N MET B 260 -12.47 -8.10 7.98
CA MET B 260 -13.25 -7.68 9.15
C MET B 260 -12.39 -7.10 10.28
N ALA B 261 -11.23 -7.71 10.52
CA ALA B 261 -10.33 -7.21 11.54
C ALA B 261 -9.94 -5.76 11.27
N MET B 262 -9.51 -5.47 10.04
CA MET B 262 -9.17 -4.14 9.61
C MET B 262 -10.36 -3.22 9.74
N THR B 263 -11.52 -3.61 9.24
CA THR B 263 -12.69 -2.73 9.23
C THR B 263 -13.19 -2.39 10.65
N GLY B 264 -13.02 -3.33 11.57
CA GLY B 264 -13.49 -3.17 12.94
C GLY B 264 -12.67 -2.13 13.65
N ALA B 265 -11.34 -2.18 13.45
CA ALA B 265 -10.41 -1.24 14.06
C ALA B 265 -10.56 0.19 13.52
N ILE B 266 -10.99 0.30 12.26
CA ILE B 266 -11.25 1.59 11.63
C ILE B 266 -12.55 2.25 12.11
N ARG B 267 -13.67 1.53 12.05
CA ARG B 267 -14.93 2.02 12.60
C ARG B 267 -14.73 2.51 14.05
N LYS B 268 -13.97 1.74 14.83
CA LYS B 268 -13.65 2.10 16.21
C LYS B 268 -12.90 3.44 16.34
N VAL B 269 -11.85 3.64 15.55
CA VAL B 269 -11.24 4.94 15.51
C VAL B 269 -12.24 6.02 15.07
N PHE B 270 -13.06 5.73 14.06
CA PHE B 270 -13.99 6.71 13.54
C PHE B 270 -15.02 7.16 14.60
N VAL B 271 -15.51 6.20 15.39
CA VAL B 271 -16.49 6.47 16.47
C VAL B 271 -15.83 7.21 17.64
N GLU B 272 -14.74 6.64 18.16
CA GLU B 272 -14.05 7.17 19.34
C GLU B 272 -13.37 8.50 19.10
N HIS B 273 -12.81 8.69 17.91
CA HIS B 273 -12.04 9.89 17.62
C HIS B 273 -12.44 10.49 16.27
N PRO B 274 -13.62 11.09 16.20
CA PRO B 274 -14.16 11.64 14.95
C PRO B 274 -13.39 12.83 14.40
N GLU B 275 -12.39 13.29 15.15
CA GLU B 275 -11.66 14.52 14.82
C GLU B 275 -10.37 14.19 14.09
N LYS B 276 -10.04 12.91 14.06
CA LYS B 276 -8.81 12.44 13.39
C LYS B 276 -9.06 12.14 11.91
N PHE B 277 -8.10 12.50 11.08
CA PHE B 277 -8.21 12.36 9.62
C PHE B 277 -6.94 11.82 9.00
N ASP B 278 -5.92 11.60 9.80
CA ASP B 278 -4.68 10.98 9.32
C ASP B 278 -4.94 9.49 9.14
N PRO B 279 -4.81 8.96 7.92
CA PRO B 279 -5.08 7.53 7.68
C PRO B 279 -4.17 6.60 8.49
N ARG B 280 -2.96 7.06 8.79
CA ARG B 280 -2.09 6.29 9.65
C ARG B 280 -2.74 6.01 10.99
N ASP B 281 -3.56 6.93 11.48
CA ASP B 281 -4.20 6.82 12.78
C ASP B 281 -5.20 5.67 12.88
N TYR B 282 -5.83 5.31 11.77
CA TYR B 282 -6.82 4.22 11.74
C TYR B 282 -6.33 2.99 10.97
N LEU B 283 -5.57 3.20 9.90
CA LEU B 283 -4.99 2.11 9.13
C LEU B 283 -3.95 1.36 9.98
N GLY B 284 -3.26 2.10 10.84
CA GLY B 284 -2.27 1.48 11.73
C GLY B 284 -2.94 0.51 12.68
N PRO B 285 -3.92 0.99 13.45
CA PRO B 285 -4.72 0.09 14.26
C PRO B 285 -5.32 -1.09 13.49
N GLY B 286 -5.68 -0.87 12.22
CA GLY B 286 -6.24 -1.93 11.37
C GLY B 286 -5.24 -3.00 10.99
N ARG B 287 -4.03 -2.58 10.64
CA ARG B 287 -2.87 -3.48 10.50
C ARG B 287 -2.67 -4.40 11.72
N ASP B 288 -2.72 -3.82 12.92
CA ASP B 288 -2.37 -4.52 14.16
C ASP B 288 -3.47 -5.47 14.56
N ALA B 289 -4.69 -5.17 14.13
CA ALA B 289 -5.85 -6.01 14.36
C ALA B 289 -5.72 -7.25 13.52
N ILE B 290 -5.19 -7.08 12.31
CA ILE B 290 -4.97 -8.23 11.43
C ILE B 290 -4.00 -9.21 12.11
N THR B 291 -2.79 -8.75 12.41
CA THR B 291 -1.81 -9.47 13.24
C THR B 291 -2.38 -10.16 14.48
N GLU B 292 -3.16 -9.45 15.30
CA GLU B 292 -3.66 -10.06 16.52
C GLU B 292 -4.57 -11.23 16.23
N MET B 293 -5.37 -11.10 15.17
CA MET B 293 -6.39 -12.10 14.81
C MET B 293 -5.74 -13.35 14.18
N LEU B 294 -4.61 -13.15 13.54
CA LEU B 294 -3.94 -14.19 12.81
C LEU B 294 -3.07 -15.05 13.70
N ILE B 295 -2.67 -14.50 14.85
CA ILE B 295 -1.67 -15.17 15.67
C ILE B 295 -2.19 -16.49 16.28
N PRO B 296 -3.33 -16.45 17.01
CA PRO B 296 -3.94 -17.72 17.44
C PRO B 296 -4.14 -18.72 16.28
N LYS B 297 -4.55 -18.21 15.11
CA LYS B 297 -4.93 -19.00 13.95
C LYS B 297 -3.75 -19.80 13.41
N ILE B 298 -2.62 -19.13 13.30
CA ILE B 298 -1.40 -19.76 12.84
C ILE B 298 -1.01 -20.84 13.84
N LYS B 299 -1.07 -20.49 15.11
CA LYS B 299 -0.82 -21.44 16.21
C LYS B 299 -1.72 -22.69 16.17
N ALA B 300 -3.01 -22.51 15.89
CA ALA B 300 -3.93 -23.64 15.71
C ALA B 300 -3.58 -24.43 14.46
N PHE B 301 -3.22 -23.74 13.38
CA PHE B 301 -2.86 -24.43 12.14
C PHE B 301 -1.67 -25.35 12.27
N GLY B 302 -0.67 -24.94 13.05
CA GLY B 302 0.47 -25.77 13.37
C GLY B 302 1.74 -25.37 12.65
N SER B 303 1.72 -24.27 11.91
CA SER B 303 2.88 -23.93 11.07
C SER B 303 3.99 -23.15 11.80
N ALA B 304 3.72 -22.74 13.03
CA ALA B 304 4.63 -21.94 13.81
C ALA B 304 5.91 -22.71 14.19
N GLY B 305 7.07 -22.07 14.03
CA GLY B 305 8.35 -22.72 14.34
C GLY B 305 9.00 -23.45 13.17
N HIS B 306 8.22 -23.63 12.10
CA HIS B 306 8.66 -24.46 10.98
C HIS B 306 9.39 -23.74 9.86
N ALA B 307 9.48 -22.42 9.96
CA ALA B 307 10.06 -21.65 8.85
C ALA B 307 11.48 -22.08 8.44
N GLY B 308 12.30 -22.49 9.40
CA GLY B 308 13.66 -22.90 9.11
C GLY B 308 13.87 -24.40 8.85
N ASP B 309 12.78 -25.16 8.71
CA ASP B 309 12.90 -26.62 8.51
C ASP B 309 13.68 -27.01 7.27
N TYR B 310 13.52 -26.27 6.17
CA TYR B 310 13.98 -26.76 4.87
C TYR B 310 14.70 -25.70 4.02
N LYS B 311 15.48 -26.16 3.06
CA LYS B 311 16.12 -25.27 2.09
C LYS B 311 15.14 -25.02 0.96
N VAL B 312 14.72 -23.78 0.79
CA VAL B 312 13.74 -23.42 -0.24
C VAL B 312 14.30 -23.68 -1.66
N VAL B 313 13.56 -24.42 -2.47
CA VAL B 313 13.97 -24.64 -3.87
C VAL B 313 13.51 -23.45 -4.73
N SER B 314 14.43 -22.89 -5.53
CA SER B 314 14.07 -21.76 -6.39
C SER B 314 13.27 -22.29 -7.58
N LEU B 315 12.52 -21.40 -8.22
CA LEU B 315 11.72 -21.77 -9.40
C LEU B 315 12.54 -22.40 -10.53
N GLU B 316 13.77 -21.93 -10.70
CA GLU B 316 14.66 -22.44 -11.71
C GLU B 316 14.88 -23.93 -11.48
N GLU B 317 15.24 -24.29 -10.26
CA GLU B 317 15.42 -25.70 -9.85
C GLU B 317 14.12 -26.53 -9.80
N ALA B 318 12.97 -25.86 -9.69
CA ALA B 318 11.66 -26.53 -9.62
C ALA B 318 11.22 -27.17 -10.96
N LYS B 319 11.85 -26.66 -12.02
CA LYS B 319 11.65 -27.10 -13.39
C LYS B 319 12.05 -28.57 -13.56
N ALA B 320 13.00 -28.98 -12.72
CA ALA B 320 13.57 -30.32 -12.69
C ALA B 320 12.62 -31.37 -12.14
N TRP B 321 11.75 -30.95 -11.22
CA TRP B 321 10.71 -31.82 -10.68
C TRP B 321 9.73 -32.28 -11.79
N TYR B 322 9.71 -31.52 -12.88
CA TYR B 322 8.72 -31.69 -13.92
C TYR B 322 9.36 -32.18 -15.22
N LYS B 323 10.64 -32.55 -15.14
CA LYS B 323 11.38 -33.31 -16.18
C LYS B 323 12.19 -34.45 -15.54
ZN ZN C . 6.55 21.02 5.88
OAA HDX D . 4.34 20.73 4.04
OAB HDX D . -0.65 19.42 4.17
OAC HDX D . 3.05 14.08 9.80
OAD HDX D . 6.14 18.80 4.69
OAE HDX D . -0.17 20.19 6.52
OAF HDX D . -0.64 21.88 4.68
OAG HDX D . 4.29 12.45 8.26
OAH HDX D . 5.59 14.11 9.61
CAI HDX D . 2.96 17.49 6.00
CAJ HDX D . 2.09 18.52 5.63
CAK HDX D . 5.00 16.06 7.62
CAL HDX D . 5.21 16.42 6.15
CAM HDX D . 1.65 20.69 4.58
OAN HDX D . 4.13 14.92 7.76
CAO HDX D . 3.93 19.71 4.65
CAP HDX D . 4.32 17.56 5.71
CAQ HDX D . 4.81 18.69 5.01
NAR HDX D . 2.54 19.60 4.97
PAS HDX D . -0.07 20.51 5.05
PAT HDX D . 4.27 13.81 8.95
ZN ZN E . -11.47 -19.32 -1.80
OAA HDX F . -10.32 -18.27 0.42
OAB HDX F . -12.17 -15.73 3.97
OAC HDX F . -12.95 -10.82 -3.78
OAD HDX F . -9.38 -17.30 -1.75
OAE HDX F . -14.29 -15.82 2.53
OAF HDX F . -13.76 -17.72 4.05
OAG HDX F . -10.45 -10.52 -4.14
OAH HDX F . -11.78 -11.96 -5.72
CAI HDX F . -11.98 -14.80 -0.76
CAJ HDX F . -12.42 -15.42 0.42
CAK HDX F . -11.52 -14.02 -3.69
CAL HDX F . -10.47 -14.74 -2.85
CAM HDX F . -12.20 -17.37 2.03
OAN HDX F . -11.41 -12.64 -3.34
CAO HDX F . -10.81 -17.19 0.07
CAP HDX F . -10.96 -15.39 -1.55
CAQ HDX F . -10.38 -16.60 -1.10
NAR HDX F . -11.84 -16.59 0.84
PAS HDX F . -13.22 -16.57 3.26
PAT HDX F . -11.66 -11.38 -4.33
#